data_1CTF
# 
_entry.id   1CTF 
# 
_audit_conform.dict_name       mmcif_pdbx.dic 
_audit_conform.dict_version    5.385 
_audit_conform.dict_location   http://mmcif.pdb.org/dictionaries/ascii/mmcif_pdbx.dic 
# 
loop_
_database_2.database_id 
_database_2.database_code 
_database_2.pdbx_database_accession 
_database_2.pdbx_DOI 
PDB   1CTF         pdb_00001ctf 10.2210/pdb1ctf/pdb 
WWPDB D_1000172518 ?            ?                   
# 
loop_
_pdbx_audit_revision_history.ordinal 
_pdbx_audit_revision_history.data_content_type 
_pdbx_audit_revision_history.major_revision 
_pdbx_audit_revision_history.minor_revision 
_pdbx_audit_revision_history.revision_date 
1 'Structure model' 1 0 1987-01-15 
2 'Structure model' 1 1 2008-03-03 
3 'Structure model' 1 2 2011-07-13 
4 'Structure model' 1 3 2017-11-29 
5 'Structure model' 1 4 2024-02-07 
# 
_pdbx_audit_revision_details.ordinal             1 
_pdbx_audit_revision_details.revision_ordinal    1 
_pdbx_audit_revision_details.data_content_type   'Structure model' 
_pdbx_audit_revision_details.provider            repository 
_pdbx_audit_revision_details.type                'Initial release' 
_pdbx_audit_revision_details.description         ? 
_pdbx_audit_revision_details.details             ? 
# 
loop_
_pdbx_audit_revision_group.ordinal 
_pdbx_audit_revision_group.revision_ordinal 
_pdbx_audit_revision_group.data_content_type 
_pdbx_audit_revision_group.group 
1 2 'Structure model' 'Version format compliance' 
2 3 'Structure model' 'Version format compliance' 
3 4 'Structure model' 'Derived calculations'      
4 4 'Structure model' Other                       
5 5 'Structure model' 'Data collection'           
6 5 'Structure model' 'Database references'       
7 5 'Structure model' 'Derived calculations'      
# 
loop_
_pdbx_audit_revision_category.ordinal 
_pdbx_audit_revision_category.revision_ordinal 
_pdbx_audit_revision_category.data_content_type 
_pdbx_audit_revision_category.category 
1 4 'Structure model' pdbx_database_status 
2 4 'Structure model' struct_conf          
3 4 'Structure model' struct_conf_type     
4 5 'Structure model' chem_comp_atom       
5 5 'Structure model' chem_comp_bond       
6 5 'Structure model' database_2           
7 5 'Structure model' struct_site          
# 
loop_
_pdbx_audit_revision_item.ordinal 
_pdbx_audit_revision_item.revision_ordinal 
_pdbx_audit_revision_item.data_content_type 
_pdbx_audit_revision_item.item 
1 4 'Structure model' '_pdbx_database_status.process_site'  
2 5 'Structure model' '_database_2.pdbx_DOI'                
3 5 'Structure model' '_database_2.pdbx_database_accession' 
4 5 'Structure model' '_struct_site.pdbx_auth_asym_id'      
5 5 'Structure model' '_struct_site.pdbx_auth_comp_id'      
6 5 'Structure model' '_struct_site.pdbx_auth_seq_id'       
# 
_pdbx_database_status.status_code                     REL 
_pdbx_database_status.entry_id                        1CTF 
_pdbx_database_status.recvd_initial_deposition_date   1986-09-02 
_pdbx_database_status.deposit_site                    ? 
_pdbx_database_status.process_site                    BNL 
_pdbx_database_status.status_code_sf                  REL 
_pdbx_database_status.status_code_mr                  ? 
_pdbx_database_status.SG_entry                        ? 
_pdbx_database_status.pdb_format_compatible           Y 
_pdbx_database_status.status_code_cs                  ? 
_pdbx_database_status.methods_development_category    ? 
_pdbx_database_status.status_code_nmr_data            ? 
# 
loop_
_audit_author.name 
_audit_author.pdbx_ordinal 
'Leijonmarck, M.' 1 
'Liljas, A.'      2 
# 
loop_
_citation.id 
_citation.title 
_citation.journal_abbrev 
_citation.journal_volume 
_citation.page_first 
_citation.page_last 
_citation.year 
_citation.journal_id_ASTM 
_citation.country 
_citation.journal_id_ISSN 
_citation.journal_id_CSD 
_citation.book_publisher 
_citation.pdbx_database_id_PubMed 
_citation.pdbx_database_id_DOI 
primary 'Structure of the C-terminal domain of the ribosomal protein L7/L12 from Escherichia coli at 1.7 A.'          J.Mol.Biol. 
195 555 579 1987 JMOBAK UK 0022-2836     0070 ?                                                3309338 
'10.1016/0022-2836(87)90183-5' 
1       'Structural Studies on the Protein L7(Slash)L12 from E. Coli Ribosomes'                                       
'Structural Aspects of Recognition and Assembly in Biological Macromolecules' ?   761 ?   1981 ?      ?  0-86689-004-1 0994 
'Balaban International Science Services,Rehovot' ?       ?                              
2       'Crystal Structure of a Ribosomal Component at 2.6 Angstroms Resolution'                                      Nature 286 
824 ?   1980 NATUAS UK 0028-0836     0006 ?                                                ?       ?                              
3       'Isolation and Crystallization of Stable Domains of the Protein L7(Slash)L12 from Escherichia Coli Ribosomes' 'FEBS Lett.' 
88  300 ?   1978 FEBLAL NE 0014-5793     0165 ?                                                ?       ? 
# 
loop_
_citation_author.citation_id 
_citation_author.name 
_citation_author.ordinal 
_citation_author.identifier_ORCID 
primary 'Leijonmarck, M.' 1  ? 
primary 'Liljas, A.'      2  ? 
1       'Leijonmarck, M.' 3  ? 
1       'Pettersson, I.'  4  ? 
1       'Liljas, A.'      5  ? 
2       'Leijonmarck, M.' 6  ? 
2       'Eriksson, S.'    7  ? 
2       'Liljas, A.'      8  ? 
3       'Liljas, A.'      9  ? 
3       'Eriksson, S.'    10 ? 
3       'Donner, D.'      11 ? 
3       'Kurland, C.G.'   12 ? 
# 
loop_
_citation_editor.citation_id 
_citation_editor.name 
_citation_editor.ordinal 
1 'Balaban, M.'   1 
1 'Sussman, J.L.' 2 
1 'Traub, W.'     3 
1 'Yonath, A.'    4 
1 'Feldmann, R.'  5 
# 
loop_
_entity.id 
_entity.type 
_entity.src_method 
_entity.pdbx_description 
_entity.formula_weight 
_entity.pdbx_number_of_molecules 
_entity.pdbx_ec 
_entity.pdbx_mutation 
_entity.pdbx_fragment 
_entity.details 
1 polymer     man 'RIBOSOMAL PROTEIN L7/L12' 7573.641 1  ? ? ? ? 
2 non-polymer syn 'SULFATE ION'              96.063   1  ? ? ? ? 
3 water       nat water                      18.015   62 ? ? ? ? 
# 
_entity_poly.entity_id                      1 
_entity_poly.type                           'polypeptide(L)' 
_entity_poly.nstd_linkage                   no 
_entity_poly.nstd_monomer                   no 
_entity_poly.pdbx_seq_one_letter_code       AAEEKTEFDVILKAAGANKVAVIKAVRGATGLGLKEAKDLVESAPAALKEGVSKDDAEALKKALEEAGAEVEVK 
_entity_poly.pdbx_seq_one_letter_code_can   AAEEKTEFDVILKAAGANKVAVIKAVRGATGLGLKEAKDLVESAPAALKEGVSKDDAEALKKALEEAGAEVEVK 
_entity_poly.pdbx_strand_id                 A 
_entity_poly.pdbx_target_identifier         ? 
# 
loop_
_pdbx_entity_nonpoly.entity_id 
_pdbx_entity_nonpoly.name 
_pdbx_entity_nonpoly.comp_id 
2 'SULFATE ION' SO4 
3 water         HOH 
# 
loop_
_entity_poly_seq.entity_id 
_entity_poly_seq.num 
_entity_poly_seq.mon_id 
_entity_poly_seq.hetero 
1 1  ALA n 
1 2  ALA n 
1 3  GLU n 
1 4  GLU n 
1 5  LYS n 
1 6  THR n 
1 7  GLU n 
1 8  PHE n 
1 9  ASP n 
1 10 VAL n 
1 11 ILE n 
1 12 LEU n 
1 13 LYS n 
1 14 ALA n 
1 15 ALA n 
1 16 GLY n 
1 17 ALA n 
1 18 ASN n 
1 19 LYS n 
1 20 VAL n 
1 21 ALA n 
1 22 VAL n 
1 23 ILE n 
1 24 LYS n 
1 25 ALA n 
1 26 VAL n 
1 27 ARG n 
1 28 GLY n 
1 29 ALA n 
1 30 THR n 
1 31 GLY n 
1 32 LEU n 
1 33 GLY n 
1 34 LEU n 
1 35 LYS n 
1 36 GLU n 
1 37 ALA n 
1 38 LYS n 
1 39 ASP n 
1 40 LEU n 
1 41 VAL n 
1 42 GLU n 
1 43 SER n 
1 44 ALA n 
1 45 PRO n 
1 46 ALA n 
1 47 ALA n 
1 48 LEU n 
1 49 LYS n 
1 50 GLU n 
1 51 GLY n 
1 52 VAL n 
1 53 SER n 
1 54 LYS n 
1 55 ASP n 
1 56 ASP n 
1 57 ALA n 
1 58 GLU n 
1 59 ALA n 
1 60 LEU n 
1 61 LYS n 
1 62 LYS n 
1 63 ALA n 
1 64 LEU n 
1 65 GLU n 
1 66 GLU n 
1 67 ALA n 
1 68 GLY n 
1 69 ALA n 
1 70 GLU n 
1 71 VAL n 
1 72 GLU n 
1 73 VAL n 
1 74 LYS n 
# 
_entity_src_gen.entity_id                          1 
_entity_src_gen.pdbx_src_id                        1 
_entity_src_gen.pdbx_alt_source_flag               sample 
_entity_src_gen.pdbx_seq_type                      ? 
_entity_src_gen.pdbx_beg_seq_num                   ? 
_entity_src_gen.pdbx_end_seq_num                   ? 
_entity_src_gen.gene_src_common_name               ? 
_entity_src_gen.gene_src_genus                     Escherichia 
_entity_src_gen.pdbx_gene_src_gene                 ? 
_entity_src_gen.gene_src_species                   ? 
_entity_src_gen.gene_src_strain                    ? 
_entity_src_gen.gene_src_tissue                    ? 
_entity_src_gen.gene_src_tissue_fraction           ? 
_entity_src_gen.gene_src_details                   ? 
_entity_src_gen.pdbx_gene_src_fragment             ? 
_entity_src_gen.pdbx_gene_src_scientific_name      'Escherichia coli' 
_entity_src_gen.pdbx_gene_src_ncbi_taxonomy_id     562 
_entity_src_gen.pdbx_gene_src_variant              ? 
_entity_src_gen.pdbx_gene_src_cell_line            ? 
_entity_src_gen.pdbx_gene_src_atcc                 ? 
_entity_src_gen.pdbx_gene_src_organ                ? 
_entity_src_gen.pdbx_gene_src_organelle            ? 
_entity_src_gen.pdbx_gene_src_cell                 ? 
_entity_src_gen.pdbx_gene_src_cellular_location    ? 
_entity_src_gen.host_org_common_name               ? 
_entity_src_gen.pdbx_host_org_scientific_name      ? 
_entity_src_gen.pdbx_host_org_ncbi_taxonomy_id     ? 
_entity_src_gen.host_org_genus                     ? 
_entity_src_gen.pdbx_host_org_gene                 ? 
_entity_src_gen.pdbx_host_org_organ                ? 
_entity_src_gen.host_org_species                   ? 
_entity_src_gen.pdbx_host_org_tissue               ? 
_entity_src_gen.pdbx_host_org_tissue_fraction      ? 
_entity_src_gen.pdbx_host_org_strain               ? 
_entity_src_gen.pdbx_host_org_variant              ? 
_entity_src_gen.pdbx_host_org_cell_line            ? 
_entity_src_gen.pdbx_host_org_atcc                 ? 
_entity_src_gen.pdbx_host_org_culture_collection   ? 
_entity_src_gen.pdbx_host_org_cell                 ? 
_entity_src_gen.pdbx_host_org_organelle            ? 
_entity_src_gen.pdbx_host_org_cellular_location    ? 
_entity_src_gen.pdbx_host_org_vector_type          ? 
_entity_src_gen.pdbx_host_org_vector               ? 
_entity_src_gen.host_org_details                   ? 
_entity_src_gen.expression_system_id               ? 
_entity_src_gen.plasmid_name                       ? 
_entity_src_gen.plasmid_details                    ? 
_entity_src_gen.pdbx_description                   ? 
# 
loop_
_chem_comp.id 
_chem_comp.type 
_chem_comp.mon_nstd_flag 
_chem_comp.name 
_chem_comp.pdbx_synonyms 
_chem_comp.formula 
_chem_comp.formula_weight 
ALA 'L-peptide linking' y ALANINE         ? 'C3 H7 N O2'     89.093  
ARG 'L-peptide linking' y ARGININE        ? 'C6 H15 N4 O2 1' 175.209 
ASN 'L-peptide linking' y ASPARAGINE      ? 'C4 H8 N2 O3'    132.118 
ASP 'L-peptide linking' y 'ASPARTIC ACID' ? 'C4 H7 N O4'     133.103 
GLU 'L-peptide linking' y 'GLUTAMIC ACID' ? 'C5 H9 N O4'     147.129 
GLY 'peptide linking'   y GLYCINE         ? 'C2 H5 N O2'     75.067  
HOH non-polymer         . WATER           ? 'H2 O'           18.015  
ILE 'L-peptide linking' y ISOLEUCINE      ? 'C6 H13 N O2'    131.173 
LEU 'L-peptide linking' y LEUCINE         ? 'C6 H13 N O2'    131.173 
LYS 'L-peptide linking' y LYSINE          ? 'C6 H15 N2 O2 1' 147.195 
PHE 'L-peptide linking' y PHENYLALANINE   ? 'C9 H11 N O2'    165.189 
PRO 'L-peptide linking' y PROLINE         ? 'C5 H9 N O2'     115.130 
SER 'L-peptide linking' y SERINE          ? 'C3 H7 N O3'     105.093 
SO4 non-polymer         . 'SULFATE ION'   ? 'O4 S -2'        96.063  
THR 'L-peptide linking' y THREONINE       ? 'C4 H9 N O3'     119.119 
VAL 'L-peptide linking' y VALINE          ? 'C5 H11 N O2'    117.146 
# 
loop_
_pdbx_poly_seq_scheme.asym_id 
_pdbx_poly_seq_scheme.entity_id 
_pdbx_poly_seq_scheme.seq_id 
_pdbx_poly_seq_scheme.mon_id 
_pdbx_poly_seq_scheme.ndb_seq_num 
_pdbx_poly_seq_scheme.pdb_seq_num 
_pdbx_poly_seq_scheme.auth_seq_num 
_pdbx_poly_seq_scheme.pdb_mon_id 
_pdbx_poly_seq_scheme.auth_mon_id 
_pdbx_poly_seq_scheme.pdb_strand_id 
_pdbx_poly_seq_scheme.pdb_ins_code 
_pdbx_poly_seq_scheme.hetero 
A 1 1  ALA 1  47  ?   ?   ?   A . n 
A 1 2  ALA 2  48  ?   ?   ?   A . n 
A 1 3  GLU 3  49  ?   ?   ?   A . n 
A 1 4  GLU 4  50  ?   ?   ?   A . n 
A 1 5  LYS 5  51  ?   ?   ?   A . n 
A 1 6  THR 6  52  ?   ?   ?   A . n 
A 1 7  GLU 7  53  53  GLU GLU A . n 
A 1 8  PHE 8  54  54  PHE PHE A . n 
A 1 9  ASP 9  55  55  ASP ASP A . n 
A 1 10 VAL 10 56  56  VAL VAL A . n 
A 1 11 ILE 11 57  57  ILE ILE A . n 
A 1 12 LEU 12 58  58  LEU LEU A . n 
A 1 13 LYS 13 59  59  LYS LYS A . n 
A 1 14 ALA 14 60  60  ALA ALA A . n 
A 1 15 ALA 15 61  61  ALA ALA A . n 
A 1 16 GLY 16 62  62  GLY GLY A . n 
A 1 17 ALA 17 63  63  ALA ALA A . n 
A 1 18 ASN 18 64  64  ASN ASN A . n 
A 1 19 LYS 19 65  65  LYS LYS A . n 
A 1 20 VAL 20 66  66  VAL VAL A . n 
A 1 21 ALA 21 67  67  ALA ALA A . n 
A 1 22 VAL 22 68  68  VAL VAL A . n 
A 1 23 ILE 23 69  69  ILE ILE A . n 
A 1 24 LYS 24 70  70  LYS LYS A . n 
A 1 25 ALA 25 71  71  ALA ALA A . n 
A 1 26 VAL 26 72  72  VAL VAL A . n 
A 1 27 ARG 27 73  73  ARG ARG A . n 
A 1 28 GLY 28 74  74  GLY GLY A . n 
A 1 29 ALA 29 75  75  ALA ALA A . n 
A 1 30 THR 30 76  76  THR THR A . n 
A 1 31 GLY 31 77  77  GLY GLY A . n 
A 1 32 LEU 32 78  78  LEU LEU A . n 
A 1 33 GLY 33 79  79  GLY GLY A . n 
A 1 34 LEU 34 80  80  LEU LEU A . n 
A 1 35 LYS 35 81  81  LYS LYS A . n 
A 1 36 GLU 36 82  82  GLU GLU A . n 
A 1 37 ALA 37 83  83  ALA ALA A . n 
A 1 38 LYS 38 84  84  LYS LYS A . n 
A 1 39 ASP 39 85  85  ASP ASP A . n 
A 1 40 LEU 40 86  86  LEU LEU A . n 
A 1 41 VAL 41 87  87  VAL VAL A . n 
A 1 42 GLU 42 88  88  GLU GLU A . n 
A 1 43 SER 43 89  89  SER SER A . n 
A 1 44 ALA 44 90  90  ALA ALA A . n 
A 1 45 PRO 45 91  91  PRO PRO A . n 
A 1 46 ALA 46 92  92  ALA ALA A . n 
A 1 47 ALA 47 93  93  ALA ALA A . n 
A 1 48 LEU 48 94  94  LEU LEU A . n 
A 1 49 LYS 49 95  95  LYS LYS A . n 
A 1 50 GLU 50 96  96  GLU GLU A . n 
A 1 51 GLY 51 97  97  GLY GLY A . n 
A 1 52 VAL 52 98  98  VAL VAL A . n 
A 1 53 SER 53 99  99  SER SER A . n 
A 1 54 LYS 54 100 100 LYS LYS A . n 
A 1 55 ASP 55 101 101 ASP ASP A . n 
A 1 56 ASP 56 102 102 ASP ASP A . n 
A 1 57 ALA 57 103 103 ALA ALA A . n 
A 1 58 GLU 58 104 104 GLU GLU A . n 
A 1 59 ALA 59 105 105 ALA ALA A . n 
A 1 60 LEU 60 106 106 LEU LEU A . n 
A 1 61 LYS 61 107 107 LYS LYS A . n 
A 1 62 LYS 62 108 108 LYS LYS A . n 
A 1 63 ALA 63 109 109 ALA ALA A . n 
A 1 64 LEU 64 110 110 LEU LEU A . n 
A 1 65 GLU 65 111 111 GLU GLU A . n 
A 1 66 GLU 66 112 112 GLU GLU A . n 
A 1 67 ALA 67 113 113 ALA ALA A . n 
A 1 68 GLY 68 114 114 GLY GLY A . n 
A 1 69 ALA 69 115 115 ALA ALA A . n 
A 1 70 GLU 70 116 116 GLU GLU A . n 
A 1 71 VAL 71 117 117 VAL VAL A . n 
A 1 72 GLU 72 118 118 GLU GLU A . n 
A 1 73 VAL 73 119 119 VAL VAL A . n 
A 1 74 LYS 74 120 120 LYS LYS A . n 
# 
loop_
_pdbx_nonpoly_scheme.asym_id 
_pdbx_nonpoly_scheme.entity_id 
_pdbx_nonpoly_scheme.mon_id 
_pdbx_nonpoly_scheme.ndb_seq_num 
_pdbx_nonpoly_scheme.pdb_seq_num 
_pdbx_nonpoly_scheme.auth_seq_num 
_pdbx_nonpoly_scheme.pdb_mon_id 
_pdbx_nonpoly_scheme.auth_mon_id 
_pdbx_nonpoly_scheme.pdb_strand_id 
_pdbx_nonpoly_scheme.pdb_ins_code 
B 2 SO4 1  1   1  SO4 SO4 A . 
C 3 HOH 1  121 1  HOH HOH A . 
C 3 HOH 2  122 2  HOH HOH A . 
C 3 HOH 3  123 3  HOH HOH A . 
C 3 HOH 4  124 4  HOH HOH A . 
C 3 HOH 5  125 5  HOH HOH A . 
C 3 HOH 6  126 6  HOH HOH A . 
C 3 HOH 7  127 7  HOH HOH A . 
C 3 HOH 8  128 8  HOH HOH A . 
C 3 HOH 9  129 9  HOH HOH A . 
C 3 HOH 10 130 10 HOH HOH A . 
C 3 HOH 11 131 11 HOH HOH A . 
C 3 HOH 12 132 12 HOH HOH A . 
C 3 HOH 13 133 13 HOH HOH A . 
C 3 HOH 14 134 14 HOH HOH A . 
C 3 HOH 15 135 15 HOH HOH A . 
C 3 HOH 16 136 16 HOH HOH A . 
C 3 HOH 17 137 17 HOH HOH A . 
C 3 HOH 18 138 18 HOH HOH A . 
C 3 HOH 19 139 19 HOH HOH A . 
C 3 HOH 20 140 20 HOH HOH A . 
C 3 HOH 21 141 21 HOH HOH A . 
C 3 HOH 22 142 22 HOH HOH A . 
C 3 HOH 23 143 23 HOH HOH A . 
C 3 HOH 24 144 24 HOH HOH A . 
C 3 HOH 25 145 25 HOH HOH A . 
C 3 HOH 26 146 26 HOH HOH A . 
C 3 HOH 27 147 27 HOH HOH A . 
C 3 HOH 28 148 28 HOH HOH A . 
C 3 HOH 29 149 29 HOH HOH A . 
C 3 HOH 30 150 30 HOH HOH A . 
C 3 HOH 31 151 31 HOH HOH A . 
C 3 HOH 32 152 32 HOH HOH A . 
C 3 HOH 33 153 33 HOH HOH A . 
C 3 HOH 34 154 34 HOH HOH A . 
C 3 HOH 35 155 35 HOH HOH A . 
C 3 HOH 36 156 36 HOH HOH A . 
C 3 HOH 37 157 37 HOH HOH A . 
C 3 HOH 38 158 38 HOH HOH A . 
C 3 HOH 39 159 39 HOH HOH A . 
C 3 HOH 40 160 40 HOH HOH A . 
C 3 HOH 41 161 41 HOH HOH A . 
C 3 HOH 42 162 42 HOH HOH A . 
C 3 HOH 43 163 43 HOH HOH A . 
C 3 HOH 44 164 44 HOH HOH A . 
C 3 HOH 45 165 45 HOH HOH A . 
C 3 HOH 46 166 46 HOH HOH A . 
C 3 HOH 47 167 47 HOH HOH A . 
C 3 HOH 48 168 48 HOH HOH A . 
C 3 HOH 49 169 49 HOH HOH A . 
C 3 HOH 50 170 50 HOH HOH A . 
C 3 HOH 51 171 51 HOH HOH A . 
C 3 HOH 52 172 52 HOH HOH A . 
C 3 HOH 53 173 53 HOH HOH A . 
C 3 HOH 54 174 54 HOH HOH A . 
C 3 HOH 55 175 55 HOH HOH A . 
C 3 HOH 56 176 56 HOH HOH A . 
C 3 HOH 57 177 57 HOH HOH A . 
C 3 HOH 58 178 58 HOH HOH A . 
C 3 HOH 59 179 59 HOH HOH A . 
C 3 HOH 60 180 60 HOH HOH A . 
C 3 HOH 61 181 61 HOH HOH A . 
C 3 HOH 62 182 62 HOH HOH A . 
# 
_software.name             CORELS 
_software.classification   refinement 
_software.version          . 
_software.citation_id      ? 
_software.pdbx_ordinal     1 
# 
_cell.entry_id           1CTF 
_cell.length_a           54.830 
_cell.length_b           54.830 
_cell.length_c           42.670 
_cell.angle_alpha        90.00 
_cell.angle_beta         90.00 
_cell.angle_gamma        90.00 
_cell.Z_PDB              8 
_cell.pdbx_unique_axis   ? 
# 
_symmetry.entry_id                         1CTF 
_symmetry.space_group_name_H-M             'P 43 21 2' 
_symmetry.pdbx_full_space_group_name_H-M   ? 
_symmetry.cell_setting                     ? 
_symmetry.Int_Tables_number                96 
# 
_exptl.entry_id          1CTF 
_exptl.method            'X-RAY DIFFRACTION' 
_exptl.crystals_number   ? 
# 
_exptl_crystal.id                    1 
_exptl_crystal.density_meas          ? 
_exptl_crystal.density_Matthews      2.12 
_exptl_crystal.density_percent_sol   41.90 
_exptl_crystal.description           ? 
# 
_diffrn.id                     1 
_diffrn.ambient_temp           ? 
_diffrn.ambient_temp_details   ? 
_diffrn.crystal_id             1 
# 
_diffrn_radiation.diffrn_id                        1 
_diffrn_radiation.wavelength_id                    1 
_diffrn_radiation.pdbx_monochromatic_or_laue_m_l   ? 
_diffrn_radiation.monochromator                    ? 
_diffrn_radiation.pdbx_diffrn_protocol             ? 
_diffrn_radiation.pdbx_scattering_type             x-ray 
# 
_diffrn_radiation_wavelength.id           1 
_diffrn_radiation_wavelength.wavelength   . 
_diffrn_radiation_wavelength.wt           1.0 
# 
_refine.entry_id                                 1CTF 
_refine.ls_number_reflns_obs                     6617 
_refine.ls_number_reflns_all                     ? 
_refine.pdbx_ls_sigma_I                          ? 
_refine.pdbx_ls_sigma_F                          ? 
_refine.pdbx_data_cutoff_high_absF               ? 
_refine.pdbx_data_cutoff_low_absF                ? 
_refine.pdbx_data_cutoff_high_rms_absF           ? 
_refine.ls_d_res_low                             ? 
_refine.ls_d_res_high                            1.7 
_refine.ls_percent_reflns_obs                    ? 
_refine.ls_R_factor_obs                          ? 
_refine.ls_R_factor_all                          ? 
_refine.ls_R_factor_R_work                       0.1740000 
_refine.ls_R_factor_R_free                       ? 
_refine.ls_R_factor_R_free_error                 ? 
_refine.ls_R_factor_R_free_error_details         ? 
_refine.ls_percent_reflns_R_free                 ? 
_refine.ls_number_reflns_R_free                  ? 
_refine.ls_number_parameters                     ? 
_refine.ls_number_restraints                     ? 
_refine.occupancy_min                            ? 
_refine.occupancy_max                            ? 
_refine.B_iso_mean                               ? 
_refine.aniso_B[1][1]                            ? 
_refine.aniso_B[2][2]                            ? 
_refine.aniso_B[3][3]                            ? 
_refine.aniso_B[1][2]                            ? 
_refine.aniso_B[1][3]                            ? 
_refine.aniso_B[2][3]                            ? 
_refine.solvent_model_details                    ? 
_refine.solvent_model_param_ksol                 ? 
_refine.solvent_model_param_bsol                 ? 
_refine.pdbx_ls_cross_valid_method               ? 
_refine.details                                  ? 
_refine.pdbx_starting_model                      ? 
_refine.pdbx_method_to_determine_struct          ? 
_refine.pdbx_isotropic_thermal_model             ? 
_refine.pdbx_stereochemistry_target_values       ? 
_refine.pdbx_stereochem_target_val_spec_case     ? 
_refine.pdbx_R_Free_selection_details            ? 
_refine.pdbx_overall_ESU_R                       ? 
_refine.pdbx_overall_ESU_R_Free                  ? 
_refine.overall_SU_ML                            ? 
_refine.overall_SU_B                             ? 
_refine.pdbx_refine_id                           'X-RAY DIFFRACTION' 
_refine.pdbx_diffrn_id                           1 
_refine.pdbx_TLS_residual_ADP_flag               ? 
_refine.correlation_coeff_Fo_to_Fc               ? 
_refine.correlation_coeff_Fo_to_Fc_free          ? 
_refine.pdbx_solvent_vdw_probe_radii             ? 
_refine.pdbx_solvent_ion_probe_radii             ? 
_refine.pdbx_solvent_shrinkage_radii             ? 
_refine.pdbx_overall_phase_error                 ? 
_refine.overall_SU_R_Cruickshank_DPI             ? 
_refine.pdbx_overall_SU_R_free_Cruickshank_DPI   ? 
_refine.pdbx_overall_SU_R_Blow_DPI               ? 
_refine.pdbx_overall_SU_R_free_Blow_DPI          ? 
# 
_refine_hist.pdbx_refine_id                   'X-RAY DIFFRACTION' 
_refine_hist.cycle_id                         LAST 
_refine_hist.pdbx_number_atoms_protein        487 
_refine_hist.pdbx_number_atoms_nucleic_acid   0 
_refine_hist.pdbx_number_atoms_ligand         5 
_refine_hist.number_atoms_solvent             62 
_refine_hist.number_atoms_total               554 
_refine_hist.d_res_high                       1.7 
_refine_hist.d_res_low                        . 
# 
loop_
_refine_ls_restr.type 
_refine_ls_restr.dev_ideal 
_refine_ls_restr.dev_ideal_target 
_refine_ls_restr.weight 
_refine_ls_restr.number 
_refine_ls_restr.pdbx_refine_id 
_refine_ls_restr.pdbx_restraint_function 
o_bond_d                0.025 ? ? ? 'X-RAY DIFFRACTION' ? 
o_bond_d_na             ?     ? ? ? 'X-RAY DIFFRACTION' ? 
o_bond_d_prot           ?     ? ? ? 'X-RAY DIFFRACTION' ? 
o_angle_d               ?     ? ? ? 'X-RAY DIFFRACTION' ? 
o_angle_d_na            ?     ? ? ? 'X-RAY DIFFRACTION' ? 
o_angle_d_prot          ?     ? ? ? 'X-RAY DIFFRACTION' ? 
o_angle_deg             ?     ? ? ? 'X-RAY DIFFRACTION' ? 
o_angle_deg_na          ?     ? ? ? 'X-RAY DIFFRACTION' ? 
o_angle_deg_prot        ?     ? ? ? 'X-RAY DIFFRACTION' ? 
o_dihedral_angle_d      ?     ? ? ? 'X-RAY DIFFRACTION' ? 
o_dihedral_angle_d_na   ?     ? ? ? 'X-RAY DIFFRACTION' ? 
o_dihedral_angle_d_prot ?     ? ? ? 'X-RAY DIFFRACTION' ? 
o_improper_angle_d      ?     ? ? ? 'X-RAY DIFFRACTION' ? 
o_improper_angle_d_na   ?     ? ? ? 'X-RAY DIFFRACTION' ? 
o_improper_angle_d_prot ?     ? ? ? 'X-RAY DIFFRACTION' ? 
o_mcbond_it             ?     ? ? ? 'X-RAY DIFFRACTION' ? 
o_mcangle_it            ?     ? ? ? 'X-RAY DIFFRACTION' ? 
o_scbond_it             ?     ? ? ? 'X-RAY DIFFRACTION' ? 
o_scangle_it            ?     ? ? ? 'X-RAY DIFFRACTION' ? 
# 
_struct.entry_id                  1CTF 
_struct.title                     
'STRUCTURE OF THE C-TERMINAL DOMAIN OF THE RIBOSOMAL PROTEIN L7/L12 FROM ESCHERICHIA COLI AT 1.7 ANGSTROMS' 
_struct.pdbx_model_details        ? 
_struct.pdbx_CASP_flag            ? 
_struct.pdbx_model_type_details   ? 
# 
_struct_keywords.entry_id        1CTF 
_struct_keywords.pdbx_keywords   'RIBOSOMAL PROTEIN' 
_struct_keywords.text            'RIBOSOMAL PROTEIN' 
# 
loop_
_struct_asym.id 
_struct_asym.pdbx_blank_PDB_chainid_flag 
_struct_asym.pdbx_modified 
_struct_asym.entity_id 
_struct_asym.details 
A N N 1 ? 
B N N 2 ? 
C N N 3 ? 
# 
_struct_ref.id                         1 
_struct_ref.db_name                    UNP 
_struct_ref.db_code                    RL7_ECOLI 
_struct_ref.entity_id                  1 
_struct_ref.pdbx_db_accession          P0A7K2 
_struct_ref.pdbx_align_begin           1 
_struct_ref.pdbx_seq_one_letter_code   
;SITKDQIIEAVAAMSVMDVVELISAMEEKFGVSAAAAVAVAAGPVEAAEEKTEFDVILKAAGANKVAVIKAVRGATGLGL
KEAKDLVESAPAALKEGVSKDDAEALKKALEEAGAEVEVK
;
_struct_ref.pdbx_db_isoform            ? 
# 
_struct_ref_seq.align_id                      1 
_struct_ref_seq.ref_id                        1 
_struct_ref_seq.pdbx_PDB_id_code              1CTF 
_struct_ref_seq.pdbx_strand_id                A 
_struct_ref_seq.seq_align_beg                 1 
_struct_ref_seq.pdbx_seq_align_beg_ins_code   ? 
_struct_ref_seq.seq_align_end                 74 
_struct_ref_seq.pdbx_seq_align_end_ins_code   ? 
_struct_ref_seq.pdbx_db_accession             P0A7K2 
_struct_ref_seq.db_align_beg                  47 
_struct_ref_seq.pdbx_db_align_beg_ins_code    ? 
_struct_ref_seq.db_align_end                  120 
_struct_ref_seq.pdbx_db_align_end_ins_code    ? 
_struct_ref_seq.pdbx_auth_seq_align_beg       47 
_struct_ref_seq.pdbx_auth_seq_align_end       120 
# 
_pdbx_struct_assembly.id                   1 
_pdbx_struct_assembly.details              author_defined_assembly 
_pdbx_struct_assembly.method_details       ? 
_pdbx_struct_assembly.oligomeric_details   dimeric 
_pdbx_struct_assembly.oligomeric_count     2 
# 
_pdbx_struct_assembly_gen.assembly_id       1 
_pdbx_struct_assembly_gen.oper_expression   1,2 
_pdbx_struct_assembly_gen.asym_id_list      A,B,C 
# 
loop_
_pdbx_struct_oper_list.id 
_pdbx_struct_oper_list.type 
_pdbx_struct_oper_list.name 
_pdbx_struct_oper_list.symmetry_operation 
_pdbx_struct_oper_list.matrix[1][1] 
_pdbx_struct_oper_list.matrix[1][2] 
_pdbx_struct_oper_list.matrix[1][3] 
_pdbx_struct_oper_list.vector[1] 
_pdbx_struct_oper_list.matrix[2][1] 
_pdbx_struct_oper_list.matrix[2][2] 
_pdbx_struct_oper_list.matrix[2][3] 
_pdbx_struct_oper_list.vector[2] 
_pdbx_struct_oper_list.matrix[3][1] 
_pdbx_struct_oper_list.matrix[3][2] 
_pdbx_struct_oper_list.matrix[3][3] 
_pdbx_struct_oper_list.vector[3] 
1 'identity operation'         1_555 x,y,z  1.0000000000  0.0000000000  0.0000000000  0.0000000000   0.0000000000  1.0000000000  0.0000000000 0.0000000000  0.0000000000  0.0000000000 1.0000000000  0.0000000000  
2 'crystal symmetry operation' 7_555 y,x,-z -0.7650710431 -0.4397268761 -0.4704323261 -17.8320243805 -0.4397268761 -0.1769438382 0.8805289050 -2.3840494746 -0.4704323261 0.8805289050 -0.0579851187 -6.6766845834 
# 
_struct_biol.id   1 
# 
loop_
_struct_conf.conf_type_id 
_struct_conf.id 
_struct_conf.pdbx_PDB_helix_id 
_struct_conf.beg_label_comp_id 
_struct_conf.beg_label_asym_id 
_struct_conf.beg_label_seq_id 
_struct_conf.pdbx_beg_PDB_ins_code 
_struct_conf.end_label_comp_id 
_struct_conf.end_label_asym_id 
_struct_conf.end_label_seq_id 
_struct_conf.pdbx_end_PDB_ins_code 
_struct_conf.beg_auth_comp_id 
_struct_conf.beg_auth_asym_id 
_struct_conf.beg_auth_seq_id 
_struct_conf.end_auth_comp_id 
_struct_conf.end_auth_asym_id 
_struct_conf.end_auth_seq_id 
_struct_conf.pdbx_PDB_helix_class 
_struct_conf.details 
_struct_conf.pdbx_PDB_helix_length 
HELX_P HELX_P1 A ASN A 18 ? GLY A 31 ? ASN A 64 GLY A 77  1 'H-BONDS LINK C(I) TO N(I+4)' 14 
HELX_P HELX_P2 B GLY A 33 ? GLU A 42 ? GLY A 79 GLU A 88  1 'H-BONDS LINK C(I) TO N(I+4)' 10 
HELX_P HELX_P3 C SER A 53 ? ALA A 67 ? SER A 99 ALA A 113 1 'H-BONDS LINK C(I) TO N(I+4)' 15 
# 
_struct_conf_type.id          HELX_P 
_struct_conf_type.criteria    ? 
_struct_conf_type.reference   ? 
# 
_struct_mon_prot_cis.pdbx_id                1 
_struct_mon_prot_cis.label_comp_id          ALA 
_struct_mon_prot_cis.label_seq_id           44 
_struct_mon_prot_cis.label_asym_id          A 
_struct_mon_prot_cis.label_alt_id           . 
_struct_mon_prot_cis.pdbx_PDB_ins_code      ? 
_struct_mon_prot_cis.auth_comp_id           ALA 
_struct_mon_prot_cis.auth_seq_id            90 
_struct_mon_prot_cis.auth_asym_id           A 
_struct_mon_prot_cis.pdbx_label_comp_id_2   PRO 
_struct_mon_prot_cis.pdbx_label_seq_id_2    45 
_struct_mon_prot_cis.pdbx_label_asym_id_2   A 
_struct_mon_prot_cis.pdbx_PDB_ins_code_2    ? 
_struct_mon_prot_cis.pdbx_auth_comp_id_2    PRO 
_struct_mon_prot_cis.pdbx_auth_seq_id_2     91 
_struct_mon_prot_cis.pdbx_auth_asym_id_2    A 
_struct_mon_prot_cis.pdbx_PDB_model_num     1 
_struct_mon_prot_cis.pdbx_omega_angle       1.24 
# 
_struct_sheet.id               I 
_struct_sheet.type             ? 
_struct_sheet.number_strands   3 
_struct_sheet.details          ? 
# 
loop_
_struct_sheet_order.sheet_id 
_struct_sheet_order.range_id_1 
_struct_sheet_order.range_id_2 
_struct_sheet_order.offset 
_struct_sheet_order.sense 
I 1 2 ? anti-parallel 
I 2 3 ? anti-parallel 
# 
loop_
_struct_sheet_range.sheet_id 
_struct_sheet_range.id 
_struct_sheet_range.beg_label_comp_id 
_struct_sheet_range.beg_label_asym_id 
_struct_sheet_range.beg_label_seq_id 
_struct_sheet_range.pdbx_beg_PDB_ins_code 
_struct_sheet_range.end_label_comp_id 
_struct_sheet_range.end_label_asym_id 
_struct_sheet_range.end_label_seq_id 
_struct_sheet_range.pdbx_end_PDB_ins_code 
_struct_sheet_range.beg_auth_comp_id 
_struct_sheet_range.beg_auth_asym_id 
_struct_sheet_range.beg_auth_seq_id 
_struct_sheet_range.end_auth_comp_id 
_struct_sheet_range.end_auth_asym_id 
_struct_sheet_range.end_auth_seq_id 
I 1 ALA A 46 ? VAL A 52 ? ALA A 92  VAL A 98  
I 2 PHE A 8  ? ALA A 14 ? PHE A 54  ALA A 60  
I 3 GLU A 70 ? LYS A 74 ? GLU A 116 LYS A 120 
# 
loop_
_pdbx_struct_sheet_hbond.sheet_id 
_pdbx_struct_sheet_hbond.range_id_1 
_pdbx_struct_sheet_hbond.range_id_2 
_pdbx_struct_sheet_hbond.range_1_label_atom_id 
_pdbx_struct_sheet_hbond.range_1_label_comp_id 
_pdbx_struct_sheet_hbond.range_1_label_asym_id 
_pdbx_struct_sheet_hbond.range_1_label_seq_id 
_pdbx_struct_sheet_hbond.range_1_PDB_ins_code 
_pdbx_struct_sheet_hbond.range_1_auth_atom_id 
_pdbx_struct_sheet_hbond.range_1_auth_comp_id 
_pdbx_struct_sheet_hbond.range_1_auth_asym_id 
_pdbx_struct_sheet_hbond.range_1_auth_seq_id 
_pdbx_struct_sheet_hbond.range_2_label_atom_id 
_pdbx_struct_sheet_hbond.range_2_label_comp_id 
_pdbx_struct_sheet_hbond.range_2_label_asym_id 
_pdbx_struct_sheet_hbond.range_2_label_seq_id 
_pdbx_struct_sheet_hbond.range_2_PDB_ins_code 
_pdbx_struct_sheet_hbond.range_2_auth_atom_id 
_pdbx_struct_sheet_hbond.range_2_auth_comp_id 
_pdbx_struct_sheet_hbond.range_2_auth_asym_id 
_pdbx_struct_sheet_hbond.range_2_auth_seq_id 
I 1 2 O VAL A 52 ? O VAL A 98 N PHE A 8  ? N PHE A 54  
I 2 3 O ALA A 14 ? O ALA A 60 N GLU A 70 ? N GLU A 116 
# 
_struct_site.id                   AC1 
_struct_site.pdbx_evidence_code   Software 
_struct_site.pdbx_auth_asym_id    A 
_struct_site.pdbx_auth_comp_id    SO4 
_struct_site.pdbx_auth_seq_id     1 
_struct_site.pdbx_auth_ins_code   ? 
_struct_site.pdbx_num_residues    7 
_struct_site.details              'BINDING SITE FOR RESIDUE SO4 A 1' 
# 
loop_
_struct_site_gen.id 
_struct_site_gen.site_id 
_struct_site_gen.pdbx_num_res 
_struct_site_gen.label_comp_id 
_struct_site_gen.label_asym_id 
_struct_site_gen.label_seq_id 
_struct_site_gen.pdbx_auth_ins_code 
_struct_site_gen.auth_comp_id 
_struct_site_gen.auth_asym_id 
_struct_site_gen.auth_seq_id 
_struct_site_gen.label_atom_id 
_struct_site_gen.label_alt_id 
_struct_site_gen.symmetry 
_struct_site_gen.details 
1 AC1 7 ALA A 15 ? ALA A 61  . ? 1_555 ? 
2 AC1 7 GLY A 16 ? GLY A 62  . ? 1_555 ? 
3 AC1 7 LYS A 19 ? LYS A 65  . ? 1_555 ? 
4 AC1 7 HOH C .  ? HOH A 131 . ? 1_555 ? 
5 AC1 7 HOH C .  ? HOH A 133 . ? 5_544 ? 
6 AC1 7 HOH C .  ? HOH A 144 . ? 3_544 ? 
7 AC1 7 HOH C .  ? HOH A 165 . ? 5_544 ? 
# 
_pdbx_validate_close_contact.id               1 
_pdbx_validate_close_contact.PDB_model_num    1 
_pdbx_validate_close_contact.auth_atom_id_1   O3 
_pdbx_validate_close_contact.auth_asym_id_1   A 
_pdbx_validate_close_contact.auth_comp_id_1   SO4 
_pdbx_validate_close_contact.auth_seq_id_1    1 
_pdbx_validate_close_contact.PDB_ins_code_1   ? 
_pdbx_validate_close_contact.label_alt_id_1   ? 
_pdbx_validate_close_contact.auth_atom_id_2   O 
_pdbx_validate_close_contact.auth_asym_id_2   A 
_pdbx_validate_close_contact.auth_comp_id_2   HOH 
_pdbx_validate_close_contact.auth_seq_id_2    131 
_pdbx_validate_close_contact.PDB_ins_code_2   ? 
_pdbx_validate_close_contact.label_alt_id_2   ? 
_pdbx_validate_close_contact.dist             1.94 
# 
loop_
_pdbx_validate_symm_contact.id 
_pdbx_validate_symm_contact.PDB_model_num 
_pdbx_validate_symm_contact.auth_atom_id_1 
_pdbx_validate_symm_contact.auth_asym_id_1 
_pdbx_validate_symm_contact.auth_comp_id_1 
_pdbx_validate_symm_contact.auth_seq_id_1 
_pdbx_validate_symm_contact.PDB_ins_code_1 
_pdbx_validate_symm_contact.label_alt_id_1 
_pdbx_validate_symm_contact.site_symmetry_1 
_pdbx_validate_symm_contact.auth_atom_id_2 
_pdbx_validate_symm_contact.auth_asym_id_2 
_pdbx_validate_symm_contact.auth_comp_id_2 
_pdbx_validate_symm_contact.auth_seq_id_2 
_pdbx_validate_symm_contact.PDB_ins_code_2 
_pdbx_validate_symm_contact.label_alt_id_2 
_pdbx_validate_symm_contact.site_symmetry_2 
_pdbx_validate_symm_contact.dist 
1 1 O2 A SO4 1 ? ? 1_555 O A HOH 165 ? ? 5_544 1.91 
2 1 O1 A SO4 1 ? ? 1_555 O A HOH 144 ? ? 3_544 2.13 
# 
loop_
_pdbx_validate_rmsd_angle.id 
_pdbx_validate_rmsd_angle.PDB_model_num 
_pdbx_validate_rmsd_angle.auth_atom_id_1 
_pdbx_validate_rmsd_angle.auth_asym_id_1 
_pdbx_validate_rmsd_angle.auth_comp_id_1 
_pdbx_validate_rmsd_angle.auth_seq_id_1 
_pdbx_validate_rmsd_angle.PDB_ins_code_1 
_pdbx_validate_rmsd_angle.label_alt_id_1 
_pdbx_validate_rmsd_angle.auth_atom_id_2 
_pdbx_validate_rmsd_angle.auth_asym_id_2 
_pdbx_validate_rmsd_angle.auth_comp_id_2 
_pdbx_validate_rmsd_angle.auth_seq_id_2 
_pdbx_validate_rmsd_angle.PDB_ins_code_2 
_pdbx_validate_rmsd_angle.label_alt_id_2 
_pdbx_validate_rmsd_angle.auth_atom_id_3 
_pdbx_validate_rmsd_angle.auth_asym_id_3 
_pdbx_validate_rmsd_angle.auth_comp_id_3 
_pdbx_validate_rmsd_angle.auth_seq_id_3 
_pdbx_validate_rmsd_angle.PDB_ins_code_3 
_pdbx_validate_rmsd_angle.label_alt_id_3 
_pdbx_validate_rmsd_angle.angle_value 
_pdbx_validate_rmsd_angle.angle_target_value 
_pdbx_validate_rmsd_angle.angle_deviation 
_pdbx_validate_rmsd_angle.angle_standard_deviation 
_pdbx_validate_rmsd_angle.linker_flag 
1  1 OE1 A GLU 53  ? ? CD A GLU 53  ? ? OE2 A GLU 53  ? ? 115.50 123.30 -7.80  1.20 N 
2  1 CB  A ASP 55  ? ? CG A ASP 55  ? ? OD1 A ASP 55  ? ? 127.46 118.30 9.16   0.90 N 
3  1 NE  A ARG 73  ? ? CZ A ARG 73  ? ? NH1 A ARG 73  ? ? 116.67 120.30 -3.63  0.50 N 
4  1 NE  A ARG 73  ? ? CZ A ARG 73  ? ? NH2 A ARG 73  ? ? 125.87 120.30 5.57   0.50 N 
5  1 CA  A THR 76  ? ? CB A THR 76  ? ? CG2 A THR 76  ? ? 125.12 112.40 12.72  1.40 N 
6  1 CA  A THR 76  ? ? C  A THR 76  ? ? N   A GLY 77  ? ? 128.76 116.20 12.56  2.00 Y 
7  1 OE1 A GLU 82  ? ? CD A GLU 82  ? ? OE2 A GLU 82  ? ? 116.00 123.30 -7.30  1.20 N 
8  1 CB  A ASP 85  ? ? CG A ASP 85  ? ? OD2 A ASP 85  ? ? 124.55 118.30 6.25   0.90 N 
9  1 CA  A LEU 86  ? ? CB A LEU 86  ? ? CG  A LEU 86  ? ? 129.11 115.30 13.81  2.30 N 
10 1 O   A GLU 88  ? ? C  A GLU 88  ? ? N   A SER 89  ? ? 112.55 122.70 -10.15 1.60 Y 
11 1 CA  A LYS 95  ? ? CB A LYS 95  ? ? CG  A LYS 95  ? ? 99.90  113.40 -13.50 2.20 N 
12 1 CB  A ASP 101 ? ? CG A ASP 101 ? ? OD2 A ASP 101 ? ? 125.61 118.30 7.31   0.90 N 
13 1 O   A ASP 102 ? ? C  A ASP 102 ? ? N   A ALA 103 ? ? 133.16 122.70 10.46  1.60 Y 
14 1 OE1 A GLU 111 ? ? CD A GLU 111 ? ? OE2 A GLU 111 ? ? 133.93 123.30 10.63  1.20 N 
# 
loop_
_pdbx_struct_special_symmetry.id 
_pdbx_struct_special_symmetry.PDB_model_num 
_pdbx_struct_special_symmetry.auth_asym_id 
_pdbx_struct_special_symmetry.auth_comp_id 
_pdbx_struct_special_symmetry.auth_seq_id 
_pdbx_struct_special_symmetry.PDB_ins_code 
_pdbx_struct_special_symmetry.label_asym_id 
_pdbx_struct_special_symmetry.label_comp_id 
_pdbx_struct_special_symmetry.label_seq_id 
1 1 A HOH 160 ? C HOH . 
2 1 A HOH 179 ? C HOH . 
# 
loop_
_pdbx_unobs_or_zero_occ_residues.id 
_pdbx_unobs_or_zero_occ_residues.PDB_model_num 
_pdbx_unobs_or_zero_occ_residues.polymer_flag 
_pdbx_unobs_or_zero_occ_residues.occupancy_flag 
_pdbx_unobs_or_zero_occ_residues.auth_asym_id 
_pdbx_unobs_or_zero_occ_residues.auth_comp_id 
_pdbx_unobs_or_zero_occ_residues.auth_seq_id 
_pdbx_unobs_or_zero_occ_residues.PDB_ins_code 
_pdbx_unobs_or_zero_occ_residues.label_asym_id 
_pdbx_unobs_or_zero_occ_residues.label_comp_id 
_pdbx_unobs_or_zero_occ_residues.label_seq_id 
1 1 Y 1 A ALA 47 ? A ALA 1 
2 1 Y 1 A ALA 48 ? A ALA 2 
3 1 Y 1 A GLU 49 ? A GLU 3 
4 1 Y 1 A GLU 50 ? A GLU 4 
5 1 Y 1 A LYS 51 ? A LYS 5 
6 1 Y 1 A THR 52 ? A THR 6 
# 
loop_
_chem_comp_atom.comp_id 
_chem_comp_atom.atom_id 
_chem_comp_atom.type_symbol 
_chem_comp_atom.pdbx_aromatic_flag 
_chem_comp_atom.pdbx_stereo_config 
_chem_comp_atom.pdbx_ordinal 
ALA N    N N N 1   
ALA CA   C N S 2   
ALA C    C N N 3   
ALA O    O N N 4   
ALA CB   C N N 5   
ALA OXT  O N N 6   
ALA H    H N N 7   
ALA H2   H N N 8   
ALA HA   H N N 9   
ALA HB1  H N N 10  
ALA HB2  H N N 11  
ALA HB3  H N N 12  
ALA HXT  H N N 13  
ARG N    N N N 14  
ARG CA   C N S 15  
ARG C    C N N 16  
ARG O    O N N 17  
ARG CB   C N N 18  
ARG CG   C N N 19  
ARG CD   C N N 20  
ARG NE   N N N 21  
ARG CZ   C N N 22  
ARG NH1  N N N 23  
ARG NH2  N N N 24  
ARG OXT  O N N 25  
ARG H    H N N 26  
ARG H2   H N N 27  
ARG HA   H N N 28  
ARG HB2  H N N 29  
ARG HB3  H N N 30  
ARG HG2  H N N 31  
ARG HG3  H N N 32  
ARG HD2  H N N 33  
ARG HD3  H N N 34  
ARG HE   H N N 35  
ARG HH11 H N N 36  
ARG HH12 H N N 37  
ARG HH21 H N N 38  
ARG HH22 H N N 39  
ARG HXT  H N N 40  
ASN N    N N N 41  
ASN CA   C N S 42  
ASN C    C N N 43  
ASN O    O N N 44  
ASN CB   C N N 45  
ASN CG   C N N 46  
ASN OD1  O N N 47  
ASN ND2  N N N 48  
ASN OXT  O N N 49  
ASN H    H N N 50  
ASN H2   H N N 51  
ASN HA   H N N 52  
ASN HB2  H N N 53  
ASN HB3  H N N 54  
ASN HD21 H N N 55  
ASN HD22 H N N 56  
ASN HXT  H N N 57  
ASP N    N N N 58  
ASP CA   C N S 59  
ASP C    C N N 60  
ASP O    O N N 61  
ASP CB   C N N 62  
ASP CG   C N N 63  
ASP OD1  O N N 64  
ASP OD2  O N N 65  
ASP OXT  O N N 66  
ASP H    H N N 67  
ASP H2   H N N 68  
ASP HA   H N N 69  
ASP HB2  H N N 70  
ASP HB3  H N N 71  
ASP HD2  H N N 72  
ASP HXT  H N N 73  
GLU N    N N N 74  
GLU CA   C N S 75  
GLU C    C N N 76  
GLU O    O N N 77  
GLU CB   C N N 78  
GLU CG   C N N 79  
GLU CD   C N N 80  
GLU OE1  O N N 81  
GLU OE2  O N N 82  
GLU OXT  O N N 83  
GLU H    H N N 84  
GLU H2   H N N 85  
GLU HA   H N N 86  
GLU HB2  H N N 87  
GLU HB3  H N N 88  
GLU HG2  H N N 89  
GLU HG3  H N N 90  
GLU HE2  H N N 91  
GLU HXT  H N N 92  
GLY N    N N N 93  
GLY CA   C N N 94  
GLY C    C N N 95  
GLY O    O N N 96  
GLY OXT  O N N 97  
GLY H    H N N 98  
GLY H2   H N N 99  
GLY HA2  H N N 100 
GLY HA3  H N N 101 
GLY HXT  H N N 102 
HOH O    O N N 103 
HOH H1   H N N 104 
HOH H2   H N N 105 
ILE N    N N N 106 
ILE CA   C N S 107 
ILE C    C N N 108 
ILE O    O N N 109 
ILE CB   C N S 110 
ILE CG1  C N N 111 
ILE CG2  C N N 112 
ILE CD1  C N N 113 
ILE OXT  O N N 114 
ILE H    H N N 115 
ILE H2   H N N 116 
ILE HA   H N N 117 
ILE HB   H N N 118 
ILE HG12 H N N 119 
ILE HG13 H N N 120 
ILE HG21 H N N 121 
ILE HG22 H N N 122 
ILE HG23 H N N 123 
ILE HD11 H N N 124 
ILE HD12 H N N 125 
ILE HD13 H N N 126 
ILE HXT  H N N 127 
LEU N    N N N 128 
LEU CA   C N S 129 
LEU C    C N N 130 
LEU O    O N N 131 
LEU CB   C N N 132 
LEU CG   C N N 133 
LEU CD1  C N N 134 
LEU CD2  C N N 135 
LEU OXT  O N N 136 
LEU H    H N N 137 
LEU H2   H N N 138 
LEU HA   H N N 139 
LEU HB2  H N N 140 
LEU HB3  H N N 141 
LEU HG   H N N 142 
LEU HD11 H N N 143 
LEU HD12 H N N 144 
LEU HD13 H N N 145 
LEU HD21 H N N 146 
LEU HD22 H N N 147 
LEU HD23 H N N 148 
LEU HXT  H N N 149 
LYS N    N N N 150 
LYS CA   C N S 151 
LYS C    C N N 152 
LYS O    O N N 153 
LYS CB   C N N 154 
LYS CG   C N N 155 
LYS CD   C N N 156 
LYS CE   C N N 157 
LYS NZ   N N N 158 
LYS OXT  O N N 159 
LYS H    H N N 160 
LYS H2   H N N 161 
LYS HA   H N N 162 
LYS HB2  H N N 163 
LYS HB3  H N N 164 
LYS HG2  H N N 165 
LYS HG3  H N N 166 
LYS HD2  H N N 167 
LYS HD3  H N N 168 
LYS HE2  H N N 169 
LYS HE3  H N N 170 
LYS HZ1  H N N 171 
LYS HZ2  H N N 172 
LYS HZ3  H N N 173 
LYS HXT  H N N 174 
PHE N    N N N 175 
PHE CA   C N S 176 
PHE C    C N N 177 
PHE O    O N N 178 
PHE CB   C N N 179 
PHE CG   C Y N 180 
PHE CD1  C Y N 181 
PHE CD2  C Y N 182 
PHE CE1  C Y N 183 
PHE CE2  C Y N 184 
PHE CZ   C Y N 185 
PHE OXT  O N N 186 
PHE H    H N N 187 
PHE H2   H N N 188 
PHE HA   H N N 189 
PHE HB2  H N N 190 
PHE HB3  H N N 191 
PHE HD1  H N N 192 
PHE HD2  H N N 193 
PHE HE1  H N N 194 
PHE HE2  H N N 195 
PHE HZ   H N N 196 
PHE HXT  H N N 197 
PRO N    N N N 198 
PRO CA   C N S 199 
PRO C    C N N 200 
PRO O    O N N 201 
PRO CB   C N N 202 
PRO CG   C N N 203 
PRO CD   C N N 204 
PRO OXT  O N N 205 
PRO H    H N N 206 
PRO HA   H N N 207 
PRO HB2  H N N 208 
PRO HB3  H N N 209 
PRO HG2  H N N 210 
PRO HG3  H N N 211 
PRO HD2  H N N 212 
PRO HD3  H N N 213 
PRO HXT  H N N 214 
SER N    N N N 215 
SER CA   C N S 216 
SER C    C N N 217 
SER O    O N N 218 
SER CB   C N N 219 
SER OG   O N N 220 
SER OXT  O N N 221 
SER H    H N N 222 
SER H2   H N N 223 
SER HA   H N N 224 
SER HB2  H N N 225 
SER HB3  H N N 226 
SER HG   H N N 227 
SER HXT  H N N 228 
SO4 S    S N N 229 
SO4 O1   O N N 230 
SO4 O2   O N N 231 
SO4 O3   O N N 232 
SO4 O4   O N N 233 
THR N    N N N 234 
THR CA   C N S 235 
THR C    C N N 236 
THR O    O N N 237 
THR CB   C N R 238 
THR OG1  O N N 239 
THR CG2  C N N 240 
THR OXT  O N N 241 
THR H    H N N 242 
THR H2   H N N 243 
THR HA   H N N 244 
THR HB   H N N 245 
THR HG1  H N N 246 
THR HG21 H N N 247 
THR HG22 H N N 248 
THR HG23 H N N 249 
THR HXT  H N N 250 
VAL N    N N N 251 
VAL CA   C N S 252 
VAL C    C N N 253 
VAL O    O N N 254 
VAL CB   C N N 255 
VAL CG1  C N N 256 
VAL CG2  C N N 257 
VAL OXT  O N N 258 
VAL H    H N N 259 
VAL H2   H N N 260 
VAL HA   H N N 261 
VAL HB   H N N 262 
VAL HG11 H N N 263 
VAL HG12 H N N 264 
VAL HG13 H N N 265 
VAL HG21 H N N 266 
VAL HG22 H N N 267 
VAL HG23 H N N 268 
VAL HXT  H N N 269 
# 
loop_
_chem_comp_bond.comp_id 
_chem_comp_bond.atom_id_1 
_chem_comp_bond.atom_id_2 
_chem_comp_bond.value_order 
_chem_comp_bond.pdbx_aromatic_flag 
_chem_comp_bond.pdbx_stereo_config 
_chem_comp_bond.pdbx_ordinal 
ALA N   CA   sing N N 1   
ALA N   H    sing N N 2   
ALA N   H2   sing N N 3   
ALA CA  C    sing N N 4   
ALA CA  CB   sing N N 5   
ALA CA  HA   sing N N 6   
ALA C   O    doub N N 7   
ALA C   OXT  sing N N 8   
ALA CB  HB1  sing N N 9   
ALA CB  HB2  sing N N 10  
ALA CB  HB3  sing N N 11  
ALA OXT HXT  sing N N 12  
ARG N   CA   sing N N 13  
ARG N   H    sing N N 14  
ARG N   H2   sing N N 15  
ARG CA  C    sing N N 16  
ARG CA  CB   sing N N 17  
ARG CA  HA   sing N N 18  
ARG C   O    doub N N 19  
ARG C   OXT  sing N N 20  
ARG CB  CG   sing N N 21  
ARG CB  HB2  sing N N 22  
ARG CB  HB3  sing N N 23  
ARG CG  CD   sing N N 24  
ARG CG  HG2  sing N N 25  
ARG CG  HG3  sing N N 26  
ARG CD  NE   sing N N 27  
ARG CD  HD2  sing N N 28  
ARG CD  HD3  sing N N 29  
ARG NE  CZ   sing N N 30  
ARG NE  HE   sing N N 31  
ARG CZ  NH1  sing N N 32  
ARG CZ  NH2  doub N N 33  
ARG NH1 HH11 sing N N 34  
ARG NH1 HH12 sing N N 35  
ARG NH2 HH21 sing N N 36  
ARG NH2 HH22 sing N N 37  
ARG OXT HXT  sing N N 38  
ASN N   CA   sing N N 39  
ASN N   H    sing N N 40  
ASN N   H2   sing N N 41  
ASN CA  C    sing N N 42  
ASN CA  CB   sing N N 43  
ASN CA  HA   sing N N 44  
ASN C   O    doub N N 45  
ASN C   OXT  sing N N 46  
ASN CB  CG   sing N N 47  
ASN CB  HB2  sing N N 48  
ASN CB  HB3  sing N N 49  
ASN CG  OD1  doub N N 50  
ASN CG  ND2  sing N N 51  
ASN ND2 HD21 sing N N 52  
ASN ND2 HD22 sing N N 53  
ASN OXT HXT  sing N N 54  
ASP N   CA   sing N N 55  
ASP N   H    sing N N 56  
ASP N   H2   sing N N 57  
ASP CA  C    sing N N 58  
ASP CA  CB   sing N N 59  
ASP CA  HA   sing N N 60  
ASP C   O    doub N N 61  
ASP C   OXT  sing N N 62  
ASP CB  CG   sing N N 63  
ASP CB  HB2  sing N N 64  
ASP CB  HB3  sing N N 65  
ASP CG  OD1  doub N N 66  
ASP CG  OD2  sing N N 67  
ASP OD2 HD2  sing N N 68  
ASP OXT HXT  sing N N 69  
GLU N   CA   sing N N 70  
GLU N   H    sing N N 71  
GLU N   H2   sing N N 72  
GLU CA  C    sing N N 73  
GLU CA  CB   sing N N 74  
GLU CA  HA   sing N N 75  
GLU C   O    doub N N 76  
GLU C   OXT  sing N N 77  
GLU CB  CG   sing N N 78  
GLU CB  HB2  sing N N 79  
GLU CB  HB3  sing N N 80  
GLU CG  CD   sing N N 81  
GLU CG  HG2  sing N N 82  
GLU CG  HG3  sing N N 83  
GLU CD  OE1  doub N N 84  
GLU CD  OE2  sing N N 85  
GLU OE2 HE2  sing N N 86  
GLU OXT HXT  sing N N 87  
GLY N   CA   sing N N 88  
GLY N   H    sing N N 89  
GLY N   H2   sing N N 90  
GLY CA  C    sing N N 91  
GLY CA  HA2  sing N N 92  
GLY CA  HA3  sing N N 93  
GLY C   O    doub N N 94  
GLY C   OXT  sing N N 95  
GLY OXT HXT  sing N N 96  
HOH O   H1   sing N N 97  
HOH O   H2   sing N N 98  
ILE N   CA   sing N N 99  
ILE N   H    sing N N 100 
ILE N   H2   sing N N 101 
ILE CA  C    sing N N 102 
ILE CA  CB   sing N N 103 
ILE CA  HA   sing N N 104 
ILE C   O    doub N N 105 
ILE C   OXT  sing N N 106 
ILE CB  CG1  sing N N 107 
ILE CB  CG2  sing N N 108 
ILE CB  HB   sing N N 109 
ILE CG1 CD1  sing N N 110 
ILE CG1 HG12 sing N N 111 
ILE CG1 HG13 sing N N 112 
ILE CG2 HG21 sing N N 113 
ILE CG2 HG22 sing N N 114 
ILE CG2 HG23 sing N N 115 
ILE CD1 HD11 sing N N 116 
ILE CD1 HD12 sing N N 117 
ILE CD1 HD13 sing N N 118 
ILE OXT HXT  sing N N 119 
LEU N   CA   sing N N 120 
LEU N   H    sing N N 121 
LEU N   H2   sing N N 122 
LEU CA  C    sing N N 123 
LEU CA  CB   sing N N 124 
LEU CA  HA   sing N N 125 
LEU C   O    doub N N 126 
LEU C   OXT  sing N N 127 
LEU CB  CG   sing N N 128 
LEU CB  HB2  sing N N 129 
LEU CB  HB3  sing N N 130 
LEU CG  CD1  sing N N 131 
LEU CG  CD2  sing N N 132 
LEU CG  HG   sing N N 133 
LEU CD1 HD11 sing N N 134 
LEU CD1 HD12 sing N N 135 
LEU CD1 HD13 sing N N 136 
LEU CD2 HD21 sing N N 137 
LEU CD2 HD22 sing N N 138 
LEU CD2 HD23 sing N N 139 
LEU OXT HXT  sing N N 140 
LYS N   CA   sing N N 141 
LYS N   H    sing N N 142 
LYS N   H2   sing N N 143 
LYS CA  C    sing N N 144 
LYS CA  CB   sing N N 145 
LYS CA  HA   sing N N 146 
LYS C   O    doub N N 147 
LYS C   OXT  sing N N 148 
LYS CB  CG   sing N N 149 
LYS CB  HB2  sing N N 150 
LYS CB  HB3  sing N N 151 
LYS CG  CD   sing N N 152 
LYS CG  HG2  sing N N 153 
LYS CG  HG3  sing N N 154 
LYS CD  CE   sing N N 155 
LYS CD  HD2  sing N N 156 
LYS CD  HD3  sing N N 157 
LYS CE  NZ   sing N N 158 
LYS CE  HE2  sing N N 159 
LYS CE  HE3  sing N N 160 
LYS NZ  HZ1  sing N N 161 
LYS NZ  HZ2  sing N N 162 
LYS NZ  HZ3  sing N N 163 
LYS OXT HXT  sing N N 164 
PHE N   CA   sing N N 165 
PHE N   H    sing N N 166 
PHE N   H2   sing N N 167 
PHE CA  C    sing N N 168 
PHE CA  CB   sing N N 169 
PHE CA  HA   sing N N 170 
PHE C   O    doub N N 171 
PHE C   OXT  sing N N 172 
PHE CB  CG   sing N N 173 
PHE CB  HB2  sing N N 174 
PHE CB  HB3  sing N N 175 
PHE CG  CD1  doub Y N 176 
PHE CG  CD2  sing Y N 177 
PHE CD1 CE1  sing Y N 178 
PHE CD1 HD1  sing N N 179 
PHE CD2 CE2  doub Y N 180 
PHE CD2 HD2  sing N N 181 
PHE CE1 CZ   doub Y N 182 
PHE CE1 HE1  sing N N 183 
PHE CE2 CZ   sing Y N 184 
PHE CE2 HE2  sing N N 185 
PHE CZ  HZ   sing N N 186 
PHE OXT HXT  sing N N 187 
PRO N   CA   sing N N 188 
PRO N   CD   sing N N 189 
PRO N   H    sing N N 190 
PRO CA  C    sing N N 191 
PRO CA  CB   sing N N 192 
PRO CA  HA   sing N N 193 
PRO C   O    doub N N 194 
PRO C   OXT  sing N N 195 
PRO CB  CG   sing N N 196 
PRO CB  HB2  sing N N 197 
PRO CB  HB3  sing N N 198 
PRO CG  CD   sing N N 199 
PRO CG  HG2  sing N N 200 
PRO CG  HG3  sing N N 201 
PRO CD  HD2  sing N N 202 
PRO CD  HD3  sing N N 203 
PRO OXT HXT  sing N N 204 
SER N   CA   sing N N 205 
SER N   H    sing N N 206 
SER N   H2   sing N N 207 
SER CA  C    sing N N 208 
SER CA  CB   sing N N 209 
SER CA  HA   sing N N 210 
SER C   O    doub N N 211 
SER C   OXT  sing N N 212 
SER CB  OG   sing N N 213 
SER CB  HB2  sing N N 214 
SER CB  HB3  sing N N 215 
SER OG  HG   sing N N 216 
SER OXT HXT  sing N N 217 
SO4 S   O1   doub N N 218 
SO4 S   O2   doub N N 219 
SO4 S   O3   sing N N 220 
SO4 S   O4   sing N N 221 
THR N   CA   sing N N 222 
THR N   H    sing N N 223 
THR N   H2   sing N N 224 
THR CA  C    sing N N 225 
THR CA  CB   sing N N 226 
THR CA  HA   sing N N 227 
THR C   O    doub N N 228 
THR C   OXT  sing N N 229 
THR CB  OG1  sing N N 230 
THR CB  CG2  sing N N 231 
THR CB  HB   sing N N 232 
THR OG1 HG1  sing N N 233 
THR CG2 HG21 sing N N 234 
THR CG2 HG22 sing N N 235 
THR CG2 HG23 sing N N 236 
THR OXT HXT  sing N N 237 
VAL N   CA   sing N N 238 
VAL N   H    sing N N 239 
VAL N   H2   sing N N 240 
VAL CA  C    sing N N 241 
VAL CA  CB   sing N N 242 
VAL CA  HA   sing N N 243 
VAL C   O    doub N N 244 
VAL C   OXT  sing N N 245 
VAL CB  CG1  sing N N 246 
VAL CB  CG2  sing N N 247 
VAL CB  HB   sing N N 248 
VAL CG1 HG11 sing N N 249 
VAL CG1 HG12 sing N N 250 
VAL CG1 HG13 sing N N 251 
VAL CG2 HG21 sing N N 252 
VAL CG2 HG22 sing N N 253 
VAL CG2 HG23 sing N N 254 
VAL OXT HXT  sing N N 255 
# 
_atom_sites.entry_id                    1CTF 
_atom_sites.fract_transf_matrix[1][1]   0.00532437 
_atom_sites.fract_transf_matrix[1][2]   0.00510230 
_atom_sites.fract_transf_matrix[1][3]   0.01668060 
_atom_sites.fract_transf_matrix[2][1]   -0.01416423 
_atom_sites.fract_transf_matrix[2][2]   0.01144366 
_atom_sites.fract_transf_matrix[2][3]   0.00102074 
_atom_sites.fract_transf_matrix[3][1]   -0.01308253 
_atom_sites.fract_transf_matrix[3][2]   -0.01702983 
_atom_sites.fract_transf_matrix[3][3]   0.00938500 
_atom_sites.fract_transf_vector[1]      0.309302 
_atom_sites.fract_transf_vector[2]      0.090823 
_atom_sites.fract_transf_vector[3]      -0.105614 
# 
loop_
_atom_sites_footnote.id 
_atom_sites_footnote.text 
1 'THE ELECTRON DENSITY FOR RESIDUE LYS 59 IS POORLY DEFINED FROM CD TO NZ.'                    
2 'THE ELECTRON DENSITY FOR RESIDUES LYS 81, LYS 108, LYS 120 IS POORLY DEFINED FROM CG TO NZ.' 
3 'RESIDUE PRO 91 IS A CIS PROLINE.'                                                            
# 
loop_
_atom_type.symbol 
C 
N 
O 
S 
# 
loop_
_atom_site.group_PDB 
_atom_site.id 
_atom_site.type_symbol 
_atom_site.label_atom_id 
_atom_site.label_alt_id 
_atom_site.label_comp_id 
_atom_site.label_asym_id 
_atom_site.label_entity_id 
_atom_site.label_seq_id 
_atom_site.pdbx_PDB_ins_code 
_atom_site.Cartn_x 
_atom_site.Cartn_y 
_atom_site.Cartn_z 
_atom_site.occupancy 
_atom_site.B_iso_or_equiv 
_atom_site.pdbx_formal_charge 
_atom_site.auth_seq_id 
_atom_site.auth_comp_id 
_atom_site.auth_asym_id 
_atom_site.auth_atom_id 
_atom_site.pdbx_PDB_model_num 
ATOM   1   N N   . GLU A 1 7  ? -3.599  17.333  -2.772  1.00 21.95 ? 53  GLU A N   1 
ATOM   2   C CA  . GLU A 1 7  ? -4.075  15.923  -2.753  1.00 16.74 ? 53  GLU A CA  1 
ATOM   3   C C   . GLU A 1 7  ? -2.876  15.035  -3.234  1.00 15.45 ? 53  GLU A C   1 
ATOM   4   O O   . GLU A 1 7  ? -2.154  15.389  -4.216  1.00 18.81 ? 53  GLU A O   1 
ATOM   5   C CB  . GLU A 1 7  ? -5.313  15.676  -3.544  1.00 17.35 ? 53  GLU A CB  1 
ATOM   6   C CG  . GLU A 1 7  ? -6.569  16.252  -2.882  1.00 24.48 ? 53  GLU A CG  1 
ATOM   7   C CD  . GLU A 1 7  ? -7.795  16.447  -3.722  1.00 31.51 ? 53  GLU A CD  1 
ATOM   8   O OE1 . GLU A 1 7  ? -8.836  16.997  -3.414  1.00 29.12 ? 53  GLU A OE1 1 
ATOM   9   O OE2 . GLU A 1 7  ? -7.734  16.027  -4.903  1.00 35.19 ? 53  GLU A OE2 1 
ATOM   10  N N   . PHE A 1 8  ? -2.798  13.916  -2.486  1.00 15.83 ? 54  PHE A N   1 
ATOM   11  C CA  . PHE A 1 8  ? -1.646  13.010  -2.853  1.00 13.24 ? 54  PHE A CA  1 
ATOM   12  C C   . PHE A 1 8  ? -2.084  11.586  -3.211  1.00 11.80 ? 54  PHE A C   1 
ATOM   13  O O   . PHE A 1 8  ? -3.146  11.144  -2.779  1.00 15.12 ? 54  PHE A O   1 
ATOM   14  C CB  . PHE A 1 8  ? -0.795  12.949  -1.555  1.00 18.56 ? 54  PHE A CB  1 
ATOM   15  C CG  . PHE A 1 8  ? -0.371  14.341  -1.123  1.00 24.67 ? 54  PHE A CG  1 
ATOM   16  C CD1 . PHE A 1 8  ? -1.172  15.128  -0.313  1.00 24.04 ? 54  PHE A CD1 1 
ATOM   17  C CD2 . PHE A 1 8  ? 0.814   14.874  -1.626  1.00 30.07 ? 54  PHE A CD2 1 
ATOM   18  C CE1 . PHE A 1 8  ? -0.754  16.403  0.025   1.00 24.78 ? 54  PHE A CE1 1 
ATOM   19  C CE2 . PHE A 1 8  ? 1.253   16.155  -1.236  1.00 34.33 ? 54  PHE A CE2 1 
ATOM   20  C CZ  . PHE A 1 8  ? 0.446   16.928  -0.393  1.00 22.21 ? 54  PHE A CZ  1 
ATOM   21  N N   . ASP A 1 9  ? -1.169  10.889  -3.851  1.00 11.83 ? 55  ASP A N   1 
ATOM   22  C CA  . ASP A 1 9  ? -1.327  9.509   -4.266  1.00 11.19 ? 55  ASP A CA  1 
ATOM   23  C C   . ASP A 1 9  ? -0.280  8.632   -3.484  1.00 12.50 ? 55  ASP A C   1 
ATOM   24  O O   . ASP A 1 9  ? 0.844   9.141   -3.277  1.00 16.87 ? 55  ASP A O   1 
ATOM   25  C CB  . ASP A 1 9  ? -1.088  9.345   -5.726  1.00 11.78 ? 55  ASP A CB  1 
ATOM   26  C CG  . ASP A 1 9  ? -2.072  10.216  -6.511  1.00 22.20 ? 55  ASP A CG  1 
ATOM   27  O OD1 . ASP A 1 9  ? -3.125  10.713  -6.104  1.00 20.32 ? 55  ASP A OD1 1 
ATOM   28  O OD2 . ASP A 1 9  ? -1.750  10.452  -7.667  1.00 27.80 ? 55  ASP A OD2 1 
ATOM   29  N N   . VAL A 1 10 ? -0.655  7.448   -3.149  1.00 10.11 ? 56  VAL A N   1 
ATOM   30  C CA  . VAL A 1 10 ? 0.252   6.540   -2.430  1.00 6.11  ? 56  VAL A CA  1 
ATOM   31  C C   . VAL A 1 10 ? 0.451   5.406   -3.428  1.00 12.17 ? 56  VAL A C   1 
ATOM   32  O O   . VAL A 1 10 ? -0.510  4.679   -3.797  1.00 10.92 ? 56  VAL A O   1 
ATOM   33  C CB  . VAL A 1 10 ? -0.383  6.053   -1.083  1.00 7.20  ? 56  VAL A CB  1 
ATOM   34  C CG1 . VAL A 1 10 ? 0.590   5.126   -0.321  1.00 15.02 ? 56  VAL A CG1 1 
ATOM   35  C CG2 . VAL A 1 10 ? -0.696  7.257   -0.189  1.00 12.49 ? 56  VAL A CG2 1 
ATOM   36  N N   . ILE A 1 11 ? 1.715   5.162   -3.801  1.00 9.15  ? 57  ILE A N   1 
ATOM   37  C CA  . ILE A 1 11 ? 2.013   4.096   -4.736  1.00 6.28  ? 57  ILE A CA  1 
ATOM   38  C C   . ILE A 1 11 ? 2.864   3.028   -4.064  1.00 7.56  ? 57  ILE A C   1 
ATOM   39  O O   . ILE A 1 11 ? 3.855   3.352   -3.423  1.00 10.20 ? 57  ILE A O   1 
ATOM   40  C CB  . ILE A 1 11 ? 2.684   4.656   -6.026  1.00 11.90 ? 57  ILE A CB  1 
ATOM   41  C CG1 . ILE A 1 11 ? 1.716   5.620   -6.845  1.00 18.26 ? 57  ILE A CG1 1 
ATOM   42  C CG2 . ILE A 1 11 ? 3.220   3.443   -6.850  1.00 11.20 ? 57  ILE A CG2 1 
ATOM   43  C CD1 . ILE A 1 11 ? 2.403   6.981   -6.877  1.00 26.31 ? 57  ILE A CD1 1 
ATOM   44  N N   . LEU A 1 12 ? 2.430   1.820   -4.244  1.00 10.38 ? 58  LEU A N   1 
ATOM   45  C CA  . LEU A 1 12 ? 3.116   0.598   -3.734  1.00 11.59 ? 58  LEU A CA  1 
ATOM   46  C C   . LEU A 1 12 ? 4.100   0.304   -4.864  1.00 12.87 ? 58  LEU A C   1 
ATOM   47  O O   . LEU A 1 12 ? 3.660   -0.057  -5.938  1.00 10.89 ? 58  LEU A O   1 
ATOM   48  C CB  . LEU A 1 12 ? 2.129   -0.500  -3.353  1.00 16.83 ? 58  LEU A CB  1 
ATOM   49  C CG  . LEU A 1 12 ? 2.676   -1.942  -3.162  1.00 22.35 ? 58  LEU A CG  1 
ATOM   50  C CD1 . LEU A 1 12 ? 3.647   -1.839  -2.011  1.00 22.54 ? 58  LEU A CD1 1 
ATOM   51  C CD2 . LEU A 1 12 ? 1.593   -2.941  -2.849  1.00 20.38 ? 58  LEU A CD2 1 
ATOM   52  N N   . LYS A 1 13 ? 5.368   0.552   -4.644  1.00 9.84  ? 59  LYS A N   1 
ATOM   53  C CA  . LYS A 1 13 ? 6.392   0.322   -5.678  1.00 9.63  ? 59  LYS A CA  1 
ATOM   54  C C   . LYS A 1 13 ? 6.837   -1.131  -5.675  1.00 11.64 ? 59  LYS A C   1 
ATOM   55  O O   . LYS A 1 13 ? 7.060   -1.683  -6.755  1.00 12.12 ? 59  LYS A O   1 
ATOM   56  C CB  . LYS A 1 13 ? 7.674   1.168   -5.579  1.00 13.31 ? 59  LYS A CB  1 
ATOM   57  C CG  . LYS A 1 13 ? 7.475   2.626   -6.065  1.00 27.72 ? 59  LYS A CG  1 
ATOM   58  C CD  . LYS A 1 13 ? 7.711   2.873   -7.574  1.00 31.82 ? 59  LYS A CD  1 
ATOM   59  C CE  . LYS A 1 13 ? 8.926   2.073   -8.053  1.00 38.21 ? 59  LYS A CE  1 
ATOM   60  N NZ  . LYS A 1 13 ? 9.094   1.914   -9.517  1.00 45.22 ? 59  LYS A NZ  1 
ATOM   61  N N   . ALA A 1 14 ? 6.997   -1.844  -4.586  1.00 8.29  ? 60  ALA A N   1 
ATOM   62  C CA  . ALA A 1 14 ? 7.396   -3.219  -4.466  1.00 5.67  ? 60  ALA A CA  1 
ATOM   63  C C   . ALA A 1 14 ? 7.190   -3.796  -3.093  1.00 10.44 ? 60  ALA A C   1 
ATOM   64  O O   . ALA A 1 14 ? 7.307   -3.009  -2.199  1.00 10.04 ? 60  ALA A O   1 
ATOM   65  C CB  . ALA A 1 14 ? 8.952   -3.331  -4.719  1.00 5.81  ? 60  ALA A CB  1 
ATOM   66  N N   . ALA A 1 15 ? 6.874   -5.063  -2.962  1.00 7.19  ? 61  ALA A N   1 
ATOM   67  C CA  . ALA A 1 15 ? 6.743   -5.662  -1.603  1.00 5.70  ? 61  ALA A CA  1 
ATOM   68  C C   . ALA A 1 15 ? 7.795   -6.724  -1.426  1.00 7.78  ? 61  ALA A C   1 
ATOM   69  O O   . ALA A 1 15 ? 7.943   -7.251  -0.325  1.00 7.24  ? 61  ALA A O   1 
ATOM   70  C CB  . ALA A 1 15 ? 5.340   -6.185  -1.495  1.00 14.20 ? 61  ALA A CB  1 
ATOM   71  N N   . GLY A 1 16 ? 8.394   -7.229  -2.561  1.00 7.79  ? 62  GLY A N   1 
ATOM   72  C CA  . GLY A 1 16 ? 9.475   -8.206  -2.386  1.00 7.12  ? 62  GLY A CA  1 
ATOM   73  C C   . GLY A 1 16 ? 9.177   -9.388  -1.545  1.00 8.99  ? 62  GLY A C   1 
ATOM   74  O O   . GLY A 1 16 ? 8.210   -10.171 -1.707  1.00 7.85  ? 62  GLY A O   1 
ATOM   75  N N   . ALA A 1 17 ? 10.062  -9.662  -0.567  1.00 6.81  ? 63  ALA A N   1 
ATOM   76  C CA  . ALA A 1 17 ? 9.896   -10.766 0.341   1.00 5.22  ? 63  ALA A CA  1 
ATOM   77  C C   . ALA A 1 17 ? 8.900   -10.588 1.470   1.00 10.37 ? 63  ALA A C   1 
ATOM   78  O O   . ALA A 1 17 ? 8.662   -11.455 2.295   1.00 11.13 ? 63  ALA A O   1 
ATOM   79  C CB  . ALA A 1 17 ? 11.309  -11.087 1.013   1.00 8.08  ? 63  ALA A CB  1 
ATOM   80  N N   . ASN A 1 18 ? 8.332   -9.361  1.577   1.00 6.84  ? 64  ASN A N   1 
ATOM   81  C CA  . ASN A 1 18 ? 7.391   -9.020  2.701   1.00 6.28  ? 64  ASN A CA  1 
ATOM   82  C C   . ASN A 1 18 ? 5.963   -9.058  2.234   1.00 7.13  ? 64  ASN A C   1 
ATOM   83  O O   . ASN A 1 18 ? 5.165   -8.382  2.876   1.00 8.05  ? 64  ASN A O   1 
ATOM   84  C CB  . ASN A 1 18 ? 7.829   -7.596  3.085   1.00 7.45  ? 64  ASN A CB  1 
ATOM   85  C CG  . ASN A 1 18 ? 9.292   -7.575  3.637   1.00 6.88  ? 64  ASN A CG  1 
ATOM   86  O OD1 . ASN A 1 18 ? 9.670   -8.519  4.350   1.00 9.07  ? 64  ASN A OD1 1 
ATOM   87  N ND2 . ASN A 1 18 ? 9.957   -6.492  3.315   1.00 5.87  ? 64  ASN A ND2 1 
ATOM   88  N N   . LYS A 1 19 ? 5.636   -9.807  1.190   1.00 7.79  ? 65  LYS A N   1 
ATOM   89  C CA  . LYS A 1 19 ? 4.231   -9.772  0.707   1.00 8.69  ? 65  LYS A CA  1 
ATOM   90  C C   . LYS A 1 19 ? 3.132   -10.132 1.675   1.00 7.19  ? 65  LYS A C   1 
ATOM   91  O O   . LYS A 1 19 ? 2.038   -9.510  1.579   1.00 8.29  ? 65  LYS A O   1 
ATOM   92  C CB  . LYS A 1 19 ? 4.172   -10.594 -0.626  1.00 9.22  ? 65  LYS A CB  1 
ATOM   93  C CG  . LYS A 1 19 ? 4.853   -9.918  -1.784  1.00 11.25 ? 65  LYS A CG  1 
ATOM   94  C CD  . LYS A 1 19 ? 4.664   -10.586 -3.149  1.00 11.54 ? 65  LYS A CD  1 
ATOM   95  C CE  . LYS A 1 19 ? 5.484   -9.775  -4.176  1.00 10.79 ? 65  LYS A CE  1 
ATOM   96  N NZ  . LYS A 1 19 ? 6.851   -10.309 -4.133  1.00 11.99 ? 65  LYS A NZ  1 
ATOM   97  N N   . VAL A 1 20 ? 3.347   -11.089 2.544   1.00 7.00  ? 66  VAL A N   1 
ATOM   98  C CA  . VAL A 1 20 ? 2.303   -11.491 3.472   1.00 13.14 ? 66  VAL A CA  1 
ATOM   99  C C   . VAL A 1 20 ? 1.899   -10.320 4.376   1.00 9.02  ? 66  VAL A C   1 
ATOM   100 O O   . VAL A 1 20 ? 0.688   -9.981  4.477   1.00 8.12  ? 66  VAL A O   1 
ATOM   101 C CB  . VAL A 1 20 ? 2.721   -12.769 4.176   1.00 15.86 ? 66  VAL A CB  1 
ATOM   102 C CG1 . VAL A 1 20 ? 1.824   -13.151 5.321   1.00 13.87 ? 66  VAL A CG1 1 
ATOM   103 C CG2 . VAL A 1 20 ? 2.656   -13.854 3.082   1.00 21.29 ? 66  VAL A CG2 1 
ATOM   104 N N   . ALA A 1 21 ? 2.896   -9.714  4.956   1.00 8.96  ? 67  ALA A N   1 
ATOM   105 C CA  . ALA A 1 21 ? 2.740   -8.589  5.840   1.00 6.50  ? 67  ALA A CA  1 
ATOM   106 C C   . ALA A 1 21 ? 2.087   -7.430  5.126   1.00 6.80  ? 67  ALA A C   1 
ATOM   107 O O   . ALA A 1 21 ? 1.182   -6.744  5.609   1.00 7.86  ? 67  ALA A O   1 
ATOM   108 C CB  . ALA A 1 21 ? 4.060   -8.238  6.549   1.00 9.28  ? 67  ALA A CB  1 
ATOM   109 N N   . VAL A 1 22 ? 2.561   -7.118  3.933   1.00 5.06  ? 68  VAL A N   1 
ATOM   110 C CA  . VAL A 1 22 ? 2.048   -6.013  3.135   1.00 5.73  ? 68  VAL A CA  1 
ATOM   111 C C   . VAL A 1 22 ? 0.622   -6.331  2.758   1.00 5.58  ? 68  VAL A C   1 
ATOM   112 O O   . VAL A 1 22 ? -0.112  -5.281  2.850   1.00 6.45  ? 68  VAL A O   1 
ATOM   113 C CB  . VAL A 1 22 ? 3.038   -5.733  1.934   1.00 6.92  ? 68  VAL A CB  1 
ATOM   114 C CG1 . VAL A 1 22 ? 2.464   -4.703  0.946   1.00 5.51  ? 68  VAL A CG1 1 
ATOM   115 C CG2 . VAL A 1 22 ? 4.390   -5.110  2.442   1.00 4.44  ? 68  VAL A CG2 1 
ATOM   116 N N   . ILE A 1 23 ? 0.262   -7.500  2.364   1.00 5.29  ? 69  ILE A N   1 
ATOM   117 C CA  . ILE A 1 23 ? -1.130  -7.757  2.003   1.00 7.88  ? 69  ILE A CA  1 
ATOM   118 C C   . ILE A 1 23 ? -2.088  -7.472  3.178   1.00 6.17  ? 69  ILE A C   1 
ATOM   119 O O   . ILE A 1 23 ? -3.190  -6.865  3.060   1.00 7.20  ? 69  ILE A O   1 
ATOM   120 C CB  . ILE A 1 23 ? -1.296  -9.231  1.522   1.00 8.14  ? 69  ILE A CB  1 
ATOM   121 C CG1 . ILE A 1 23 ? -0.583  -9.356  0.126   1.00 9.31  ? 69  ILE A CG1 1 
ATOM   122 C CG2 . ILE A 1 23 ? -2.785  -9.600  1.363   1.00 9.84  ? 69  ILE A CG2 1 
ATOM   123 C CD1 . ILE A 1 23 ? -0.394  -10.893 -0.249  1.00 8.69  ? 69  ILE A CD1 1 
ATOM   124 N N   . LYS A 1 24 ? -1.641  -7.874  4.389   1.00 7.03  ? 70  LYS A N   1 
ATOM   125 C CA  . LYS A 1 24 ? -2.374  -7.644  5.627   1.00 6.37  ? 70  LYS A CA  1 
ATOM   126 C C   . LYS A 1 24 ? -2.583  -6.108  5.823   1.00 6.68  ? 70  LYS A C   1 
ATOM   127 O O   . LYS A 1 24 ? -3.750  -5.664  6.090   1.00 6.76  ? 70  LYS A O   1 
ATOM   128 C CB  . LYS A 1 24 ? -1.723  -8.288  6.840   1.00 8.37  ? 70  LYS A CB  1 
ATOM   129 C CG  . LYS A 1 24 ? -2.539  -8.076  8.143   1.00 13.06 ? 70  LYS A CG  1 
ATOM   130 C CD  . LYS A 1 24 ? -1.699  -8.398  9.418   1.00 18.25 ? 70  LYS A CD  1 
ATOM   131 C CE  . LYS A 1 24 ? -1.019  -9.693  9.218   1.00 20.33 ? 70  LYS A CE  1 
ATOM   132 N NZ  . LYS A 1 24 ? -0.293  -10.211 10.446  1.00 17.48 ? 70  LYS A NZ  1 
ATOM   133 N N   . ALA A 1 25 ? -1.600  -5.301  5.730   1.00 5.89  ? 71  ALA A N   1 
ATOM   134 C CA  . ALA A 1 25 ? -1.581  -3.852  5.905   1.00 5.82  ? 71  ALA A CA  1 
ATOM   135 C C   . ALA A 1 25 ? -2.501  -3.234  4.825   1.00 7.09  ? 71  ALA A C   1 
ATOM   136 O O   . ALA A 1 25 ? -3.271  -2.358  5.172   1.00 7.19  ? 71  ALA A O   1 
ATOM   137 C CB  . ALA A 1 25 ? -0.179  -3.321  5.831   1.00 6.53  ? 71  ALA A CB  1 
ATOM   138 N N   . VAL A 1 26 ? -2.350  -3.694  3.571   1.00 7.05  ? 72  VAL A N   1 
ATOM   139 C CA  . VAL A 1 26 ? -3.234  -3.115  2.503   1.00 9.48  ? 72  VAL A CA  1 
ATOM   140 C C   . VAL A 1 26 ? -4.706  -3.464  2.848   1.00 4.83  ? 72  VAL A C   1 
ATOM   141 O O   . VAL A 1 26 ? -5.539  -2.489  2.743   1.00 9.13  ? 72  VAL A O   1 
ATOM   142 C CB  . VAL A 1 26 ? -2.923  -3.708  1.124   1.00 7.79  ? 72  VAL A CB  1 
ATOM   143 C CG1 . VAL A 1 26 ? -4.017  -3.425  0.099   1.00 5.01  ? 72  VAL A CG1 1 
ATOM   144 C CG2 . VAL A 1 26 ? -1.588  -3.134  0.756   1.00 5.23  ? 72  VAL A CG2 1 
ATOM   145 N N   . ARG A 1 27 ? -5.072  -4.560  3.331   1.00 4.52  ? 73  ARG A N   1 
ATOM   146 C CA  . ARG A 1 27 ? -6.462  -4.906  3.678   1.00 4.77  ? 73  ARG A CA  1 
ATOM   147 C C   . ARG A 1 27 ? -6.920  -4.072  4.831   1.00 7.11  ? 73  ARG A C   1 
ATOM   148 O O   . ARG A 1 27 ? -8.114  -3.679  4.932   1.00 6.61  ? 73  ARG A O   1 
ATOM   149 C CB  . ARG A 1 27 ? -6.629  -6.378  3.951   1.00 7.33  ? 73  ARG A CB  1 
ATOM   150 C CG  . ARG A 1 27 ? -6.278  -7.299  2.725   1.00 8.82  ? 73  ARG A CG  1 
ATOM   151 C CD  . ARG A 1 27 ? -6.626  -8.722  3.086   1.00 9.26  ? 73  ARG A CD  1 
ATOM   152 N NE  . ARG A 1 27 ? -8.073  -8.895  3.206   1.00 14.98 ? 73  ARG A NE  1 
ATOM   153 C CZ  . ARG A 1 27 ? -8.543  -9.971  3.805   1.00 11.71 ? 73  ARG A CZ  1 
ATOM   154 N NH1 . ARG A 1 27 ? -7.645  -10.810 4.316   1.00 17.61 ? 73  ARG A NH1 1 
ATOM   155 N NH2 . ARG A 1 27 ? -9.824  -10.319 3.891   1.00 14.14 ? 73  ARG A NH2 1 
ATOM   156 N N   . GLY A 1 28 ? -6.077  -3.813  5.807   1.00 5.98  ? 74  GLY A N   1 
ATOM   157 C CA  . GLY A 1 28 ? -6.486  -3.018  6.956   1.00 7.66  ? 74  GLY A CA  1 
ATOM   158 C C   . GLY A 1 28 ? -6.690  -1.571  6.506   1.00 8.48  ? 74  GLY A C   1 
ATOM   159 O O   . GLY A 1 28 ? -7.535  -0.936  7.118   1.00 12.04 ? 74  GLY A O   1 
ATOM   160 N N   . ALA A 1 29 ? -5.944  -1.073  5.592   1.00 7.97  ? 75  ALA A N   1 
ATOM   161 C CA  . ALA A 1 29 ? -6.030  0.309   5.156   1.00 12.31 ? 75  ALA A CA  1 
ATOM   162 C C   . ALA A 1 29 ? -7.117  0.563   4.139   1.00 12.07 ? 75  ALA A C   1 
ATOM   163 O O   . ALA A 1 29 ? -7.608  1.699   4.168   1.00 15.65 ? 75  ALA A O   1 
ATOM   164 C CB  . ALA A 1 29 ? -4.775  0.916   4.572   1.00 11.02 ? 75  ALA A CB  1 
ATOM   165 N N   . THR A 1 30 ? -7.476  -0.432  3.394   1.00 12.37 ? 76  THR A N   1 
ATOM   166 C CA  . THR A 1 30 ? -8.490  -0.313  2.318   1.00 15.64 ? 76  THR A CA  1 
ATOM   167 C C   . THR A 1 30 ? -9.740  -1.127  2.440   1.00 12.55 ? 76  THR A C   1 
ATOM   168 O O   . THR A 1 30 ? -10.735 -0.759  1.714   1.00 17.82 ? 76  THR A O   1 
ATOM   169 C CB  . THR A 1 30 ? -7.694  -0.598  0.968   1.00 8.89  ? 76  THR A CB  1 
ATOM   170 O OG1 . THR A 1 30 ? -7.598  -2.048  0.874   1.00 14.89 ? 76  THR A OG1 1 
ATOM   171 C CG2 . THR A 1 30 ? -6.360  -0.095  0.657   1.00 15.40 ? 76  THR A CG2 1 
ATOM   172 N N   . GLY A 1 31 ? -9.938  -2.270  3.120   1.00 8.34  ? 77  GLY A N   1 
ATOM   173 C CA  . GLY A 1 31 ? -11.071 -3.086  3.226   1.00 10.48 ? 77  GLY A CA  1 
ATOM   174 C C   . GLY A 1 31 ? -11.112 -4.054  2.062   1.00 10.34 ? 77  GLY A C   1 
ATOM   175 O O   . GLY A 1 31 ? -12.059 -4.758  1.932   1.00 11.75 ? 77  GLY A O   1 
ATOM   176 N N   . LEU A 1 32 ? -10.071 -4.116  1.180   1.00 13.36 ? 78  LEU A N   1 
ATOM   177 C CA  . LEU A 1 32 ? -10.100 -5.095  0.094   1.00 13.26 ? 78  LEU A CA  1 
ATOM   178 C C   . LEU A 1 32 ? -10.122 -6.538  0.573   1.00 13.06 ? 78  LEU A C   1 
ATOM   179 O O   . LEU A 1 32 ? -9.528  -6.900  1.664   1.00 12.56 ? 78  LEU A O   1 
ATOM   180 C CB  . LEU A 1 32 ? -8.891  -4.801  -0.811  1.00 12.51 ? 78  LEU A CB  1 
ATOM   181 C CG  . LEU A 1 32 ? -8.966  -3.739  -1.822  1.00 20.30 ? 78  LEU A CG  1 
ATOM   182 C CD1 . LEU A 1 32 ? -7.631  -3.453  -2.505  1.00 25.81 ? 78  LEU A CD1 1 
ATOM   183 C CD2 . LEU A 1 32 ? -10.077 -4.183  -2.841  1.00 19.17 ? 78  LEU A CD2 1 
ATOM   184 N N   . GLY A 1 33 ? -10.717 -7.489  -0.212  1.00 10.80 ? 79  GLY A N   1 
ATOM   185 C CA  . GLY A 1 33 ? -10.798 -8.877  0.098   1.00 10.34 ? 79  GLY A CA  1 
ATOM   186 C C   . GLY A 1 33 ? -9.366  -9.469  -0.109  1.00 12.92 ? 79  GLY A C   1 
ATOM   187 O O   . GLY A 1 33 ? -8.592  -8.698  -0.673  1.00 15.37 ? 79  GLY A O   1 
ATOM   188 N N   . LEU A 1 34 ? -9.141  -10.654 0.327   1.00 13.58 ? 80  LEU A N   1 
ATOM   189 C CA  . LEU A 1 34 ? -7.827  -11.301 0.202   1.00 12.72 ? 80  LEU A CA  1 
ATOM   190 C C   . LEU A 1 34 ? -7.368  -11.468 -1.239  1.00 26.51 ? 80  LEU A C   1 
ATOM   191 O O   . LEU A 1 34 ? -6.245  -11.053 -1.513  1.00 18.71 ? 80  LEU A O   1 
ATOM   192 C CB  . LEU A 1 34 ? -7.822  -12.617 0.892   1.00 15.95 ? 80  LEU A CB  1 
ATOM   193 C CG  . LEU A 1 34 ? -6.453  -13.355 0.847   1.00 13.57 ? 80  LEU A CG  1 
ATOM   194 C CD1 . LEU A 1 34 ? -5.311  -12.529 1.435   1.00 16.53 ? 80  LEU A CD1 1 
ATOM   195 C CD2 . LEU A 1 34 ? -6.662  -14.595 1.699   1.00 23.88 ? 80  LEU A CD2 1 
ATOM   196 N N   . LYS A 1 35 ? -8.210  -11.994 -2.106  1.00 19.58 ? 81  LYS A N   1 
ATOM   197 C CA  . LYS A 1 35 ? -7.760  -12.189 -3.507  1.00 21.29 ? 81  LYS A CA  1 
ATOM   198 C C   . LYS A 1 35 ? -7.327  -10.911 -4.156  1.00 17.47 ? 81  LYS A C   1 
ATOM   199 O O   . LYS A 1 35 ? -6.346  -10.801 -4.919  1.00 15.24 ? 81  LYS A O   1 
ATOM   200 C CB  . LYS A 1 35 ? -8.959  -12.725 -4.290  1.00 24.72 ? 81  LYS A CB  1 
ATOM   201 C CG  . LYS A 1 35 ? -9.155  -12.129 -5.680  1.00 29.09 ? 81  LYS A CG  1 
ATOM   202 C CD  . LYS A 1 35 ? -9.900  -13.180 -6.515  1.00 34.00 ? 81  LYS A CD  1 
ATOM   203 C CE  . LYS A 1 35 ? -10.598 -12.522 -7.683  1.00 35.69 ? 81  LYS A CE  1 
ATOM   204 N NZ  . LYS A 1 35 ? -10.365 -11.033 -7.583  1.00 52.59 ? 81  LYS A NZ  1 
ATOM   205 N N   . GLU A 1 36 ? -8.128  -9.863  -3.911  1.00 16.42 ? 82  GLU A N   1 
ATOM   206 C CA  . GLU A 1 36 ? -7.895  -8.566  -4.457  1.00 14.19 ? 82  GLU A CA  1 
ATOM   207 C C   . GLU A 1 36 ? -6.597  -7.843  -3.947  1.00 8.60  ? 82  GLU A C   1 
ATOM   208 O O   . GLU A 1 36 ? -5.920  -7.233  -4.742  1.00 11.78 ? 82  GLU A O   1 
ATOM   209 C CB  . GLU A 1 36 ? -9.149  -7.698  -4.254  1.00 20.79 ? 82  GLU A CB  1 
ATOM   210 C CG  . GLU A 1 36 ? -10.382 -8.443  -4.811  1.00 18.11 ? 82  GLU A CG  1 
ATOM   211 C CD  . GLU A 1 36 ? -11.008 -9.535  -4.062  1.00 19.04 ? 82  GLU A CD  1 
ATOM   212 O OE1 . GLU A 1 36 ? -10.926 -9.734  -2.874  1.00 20.81 ? 82  GLU A OE1 1 
ATOM   213 O OE2 . GLU A 1 36 ? -11.749 -10.375 -4.732  1.00 26.28 ? 82  GLU A OE2 1 
ATOM   214 N N   . ALA A 1 37 ? -6.445  -7.894  -2.647  1.00 10.81 ? 83  ALA A N   1 
ATOM   215 C CA  . ALA A 1 37 ? -5.235  -7.290  -2.075  1.00 11.52 ? 83  ALA A CA  1 
ATOM   216 C C   . ALA A 1 37 ? -3.995  -8.095  -2.563  1.00 10.58 ? 83  ALA A C   1 
ATOM   217 O O   . ALA A 1 37 ? -2.962  -7.522  -2.834  1.00 10.95 ? 83  ALA A O   1 
ATOM   218 C CB  . ALA A 1 37 ? -5.381  -7.296  -0.575  1.00 7.70  ? 83  ALA A CB  1 
ATOM   219 N N   . LYS A 1 38 ? -4.116  -9.408  -2.613  1.00 10.54 ? 84  LYS A N   1 
ATOM   220 C CA  . LYS A 1 38 ? -2.983  -10.260 -3.083  1.00 14.22 ? 84  LYS A CA  1 
ATOM   221 C C   . LYS A 1 38 ? -2.677  -9.933  -4.537  1.00 15.24 ? 84  LYS A C   1 
ATOM   222 O O   . LYS A 1 38 ? -1.492  -9.727  -4.841  1.00 11.07 ? 84  LYS A O   1 
ATOM   223 C CB  . LYS A 1 38 ? -3.383  -11.691 -2.952  1.00 13.55 ? 84  LYS A CB  1 
ATOM   224 C CG  . LYS A 1 38 ? -2.330  -12.681 -3.360  1.00 16.41 ? 84  LYS A CG  1 
ATOM   225 C CD  . LYS A 1 38 ? -2.783  -14.068 -2.820  1.00 25.52 ? 84  LYS A CD  1 
ATOM   226 C CE  . LYS A 1 38 ? -3.132  -14.975 -3.977  1.00 36.49 ? 84  LYS A CE  1 
ATOM   227 N NZ  . LYS A 1 38 ? -2.680  -14.351 -5.259  1.00 44.32 ? 84  LYS A NZ  1 
ATOM   228 N N   . ASP A 1 39 ? -3.666  -9.789  -5.414  1.00 12.23 ? 85  ASP A N   1 
ATOM   229 C CA  . ASP A 1 39 ? -3.432  -9.459  -6.827  1.00 11.95 ? 85  ASP A CA  1 
ATOM   230 C C   . ASP A 1 39 ? -2.853  -8.089  -6.870  1.00 10.61 ? 85  ASP A C   1 
ATOM   231 O O   . ASP A 1 39 ? -1.924  -7.854  -7.679  1.00 14.92 ? 85  ASP A O   1 
ATOM   232 C CB  . ASP A 1 39 ? -4.711  -9.582  -7.744  1.00 20.58 ? 85  ASP A CB  1 
ATOM   233 C CG  . ASP A 1 39 ? -5.240  -11.015 -7.833  1.00 27.87 ? 85  ASP A CG  1 
ATOM   234 O OD1 . ASP A 1 39 ? -6.462  -11.300 -8.088  1.00 37.06 ? 85  ASP A OD1 1 
ATOM   235 O OD2 . ASP A 1 39 ? -4.532  -12.059 -7.645  1.00 28.64 ? 85  ASP A OD2 1 
ATOM   236 N N   . LEU A 1 40 ? -3.217  -7.068  -6.049  1.00 9.80  ? 86  LEU A N   1 
ATOM   237 C CA  . LEU A 1 40 ? -2.604  -5.754  -6.142  1.00 9.96  ? 86  LEU A CA  1 
ATOM   238 C C   . LEU A 1 40 ? -1.133  -5.769  -5.700  1.00 9.12  ? 86  LEU A C   1 
ATOM   239 O O   . LEU A 1 40 ? -0.323  -5.194  -6.404  1.00 11.68 ? 86  LEU A O   1 
ATOM   240 C CB  . LEU A 1 40 ? -3.459  -4.819  -5.301  1.00 14.94 ? 86  LEU A CB  1 
ATOM   241 C CG  . LEU A 1 40 ? -3.534  -3.332  -5.333  1.00 24.25 ? 86  LEU A CG  1 
ATOM   242 C CD1 . LEU A 1 40 ? -4.701  -2.978  -4.389  1.00 19.29 ? 86  LEU A CD1 1 
ATOM   243 C CD2 . LEU A 1 40 ? -2.298  -2.797  -4.568  1.00 29.47 ? 86  LEU A CD2 1 
ATOM   244 N N   . VAL A 1 41 ? -0.880  -6.475  -4.638  1.00 8.59  ? 87  VAL A N   1 
ATOM   245 C CA  . VAL A 1 41 ? 0.554   -6.460  -4.172  1.00 8.46  ? 87  VAL A CA  1 
ATOM   246 C C   . VAL A 1 41 ? 1.433   -7.191  -5.182  1.00 11.32 ? 87  VAL A C   1 
ATOM   247 O O   . VAL A 1 41 ? 2.577   -6.767  -5.459  1.00 13.96 ? 87  VAL A O   1 
ATOM   248 C CB  . VAL A 1 41 ? 0.480   -7.147  -2.765  1.00 12.75 ? 87  VAL A CB  1 
ATOM   249 C CG1 . VAL A 1 41 ? 1.835   -7.467  -2.175  1.00 13.79 ? 87  VAL A CG1 1 
ATOM   250 C CG2 . VAL A 1 41 ? -0.305  -6.267  -1.765  1.00 8.81  ? 87  VAL A CG2 1 
ATOM   251 N N   . GLU A 1 42 ? 0.879   -8.262  -5.749  1.00 10.09 ? 88  GLU A N   1 
ATOM   252 C CA  . GLU A 1 42 ? 1.658   -9.027  -6.717  1.00 9.41  ? 88  GLU A CA  1 
ATOM   253 C C   . GLU A 1 42 ? 1.750   -8.278  -7.981  1.00 14.22 ? 88  GLU A C   1 
ATOM   254 O O   . GLU A 1 42 ? 2.590   -8.584  -8.879  1.00 24.22 ? 88  GLU A O   1 
ATOM   255 C CB  . GLU A 1 42 ? 1.151   -10.462 -6.880  1.00 15.23 ? 88  GLU A CB  1 
ATOM   256 C CG  . GLU A 1 42 ? 1.131   -11.311 -5.634  1.00 13.31 ? 88  GLU A CG  1 
ATOM   257 C CD  . GLU A 1 42 ? 0.571   -12.664 -5.473  1.00 17.11 ? 88  GLU A CD  1 
ATOM   258 O OE1 . GLU A 1 42 ? 0.792   -13.410 -4.559  1.00 22.99 ? 88  GLU A OE1 1 
ATOM   259 O OE2 . GLU A 1 42 ? -0.189  -12.943 -6.388  1.00 22.21 ? 88  GLU A OE2 1 
ATOM   260 N N   . SER A 1 43 ? 1.083   -7.234  -8.272  1.00 15.67 ? 89  SER A N   1 
ATOM   261 C CA  . SER A 1 43 ? 1.071   -6.404  -9.459  1.00 14.84 ? 89  SER A CA  1 
ATOM   262 C C   . SER A 1 43 ? 1.781   -5.124  -9.335  1.00 14.05 ? 89  SER A C   1 
ATOM   263 O O   . SER A 1 43 ? 1.614   -4.265  -10.172 1.00 14.94 ? 89  SER A O   1 
ATOM   264 C CB  . SER A 1 43 ? -0.406  -6.051  -9.886  1.00 25.91 ? 89  SER A CB  1 
ATOM   265 O OG  . SER A 1 43 ? -1.008  -7.313  -10.092 1.00 22.17 ? 89  SER A OG  1 
ATOM   266 N N   . ALA A 1 44 ? 2.607   -4.889  -8.277  1.00 14.95 ? 90  ALA A N   1 
ATOM   267 C CA  . ALA A 1 44 ? 3.299   -3.661  -8.116  1.00 16.09 ? 90  ALA A CA  1 
ATOM   268 C C   . ALA A 1 44 ? 4.271   -3.397  -9.264  1.00 15.62 ? 90  ALA A C   1 
ATOM   269 O O   . ALA A 1 44 ? 4.812   -4.379  -9.772  1.00 18.37 ? 90  ALA A O   1 
ATOM   270 C CB  . ALA A 1 44 ? 4.057   -3.625  -6.779  1.00 12.85 ? 90  ALA A CB  1 
ATOM   271 N N   . PRO A 1 45 ? 4.480   -2.153  -9.612  1.00 13.73 ? 91  PRO A N   1 
ATOM   272 C CA  . PRO A 1 45 ? 3.912   -0.947  -9.019  1.00 10.39 ? 91  PRO A CA  1 
ATOM   273 C C   . PRO A 1 45 ? 2.446   -0.706  -9.121  1.00 17.07 ? 91  PRO A C   1 
ATOM   274 O O   . PRO A 1 45 ? 1.851   -0.985  -10.177 1.00 16.14 ? 91  PRO A O   1 
ATOM   275 C CB  . PRO A 1 45 ? 4.827   0.137   -9.614  1.00 17.24 ? 91  PRO A CB  1 
ATOM   276 C CG  . PRO A 1 45 ? 4.989   -0.479  -10.968 1.00 16.75 ? 91  PRO A CG  1 
ATOM   277 C CD  . PRO A 1 45 ? 5.511   -1.815  -10.628 1.00 14.49 ? 91  PRO A CD  1 
ATOM   278 N N   . ALA A 1 46 ? 1.826   -0.195  -8.084  1.00 13.15 ? 92  ALA A N   1 
ATOM   279 C CA  . ALA A 1 46 ? 0.362   0.113   -8.184  1.00 19.09 ? 92  ALA A CA  1 
ATOM   280 C C   . ALA A 1 46 ? -0.037  1.295   -7.339  1.00 17.69 ? 92  ALA A C   1 
ATOM   281 O O   . ALA A 1 46 ? 0.430   1.394   -6.207  1.00 15.30 ? 92  ALA A O   1 
ATOM   282 C CB  . ALA A 1 46 ? -0.426  -1.139  -7.833  1.00 21.30 ? 92  ALA A CB  1 
ATOM   283 N N   . ALA A 1 47 ? -0.910  2.159   -7.852  1.00 13.60 ? 93  ALA A N   1 
ATOM   284 C CA  . ALA A 1 47 ? -1.401  3.324   -7.117  1.00 13.08 ? 93  ALA A CA  1 
ATOM   285 C C   . ALA A 1 47 ? -2.463  2.760   -6.224  1.00 19.08 ? 93  ALA A C   1 
ATOM   286 O O   . ALA A 1 47 ? -3.577  2.455   -6.675  1.00 23.37 ? 93  ALA A O   1 
ATOM   287 C CB  . ALA A 1 47 ? -1.929  4.376   -8.053  1.00 14.48 ? 93  ALA A CB  1 
ATOM   288 N N   . LEU A 1 48 ? -2.269  2.655   -4.957  1.00 11.15 ? 94  LEU A N   1 
ATOM   289 C CA  . LEU A 1 48 ? -3.149  2.082   -3.994  1.00 11.72 ? 94  LEU A CA  1 
ATOM   290 C C   . LEU A 1 48 ? -4.225  3.035   -3.544  1.00 12.67 ? 94  LEU A C   1 
ATOM   291 O O   . LEU A 1 48 ? -5.335  2.558   -3.426  1.00 14.88 ? 94  LEU A O   1 
ATOM   292 C CB  . LEU A 1 48 ? -2.169  1.624   -2.883  1.00 20.21 ? 94  LEU A CB  1 
ATOM   293 C CG  . LEU A 1 48 ? -2.729  1.156   -1.579  1.00 25.27 ? 94  LEU A CG  1 
ATOM   294 C CD1 . LEU A 1 48 ? -3.793  0.108   -1.926  1.00 25.73 ? 94  LEU A CD1 1 
ATOM   295 C CD2 . LEU A 1 48 ? -1.542  0.496   -0.861  1.00 26.85 ? 94  LEU A CD2 1 
ATOM   296 N N   . LYS A 1 49 ? -3.907  4.230   -3.321  1.00 11.42 ? 95  LYS A N   1 
ATOM   297 C CA  . LYS A 1 49 ? -4.825  5.313   -2.880  1.00 15.80 ? 95  LYS A CA  1 
ATOM   298 C C   . LYS A 1 49 ? -4.530  6.589   -3.587  1.00 18.28 ? 95  LYS A C   1 
ATOM   299 O O   . LYS A 1 49 ? -3.393  7.021   -3.565  1.00 14.72 ? 95  LYS A O   1 
ATOM   300 C CB  . LYS A 1 49 ? -4.896  5.486   -1.357  1.00 16.03 ? 95  LYS A CB  1 
ATOM   301 C CG  . LYS A 1 49 ? -6.422  5.275   -1.134  1.00 25.25 ? 95  LYS A CG  1 
ATOM   302 C CD  . LYS A 1 49 ? -6.948  5.262   0.242   1.00 27.15 ? 95  LYS A CD  1 
ATOM   303 C CE  . LYS A 1 49 ? -8.442  5.679   0.083   1.00 37.45 ? 95  LYS A CE  1 
ATOM   304 N NZ  . LYS A 1 49 ? -9.060  4.324   0.215   1.00 38.28 ? 95  LYS A NZ  1 
ATOM   305 N N   . GLU A 1 50 ? -5.513  7.287   -4.225  1.00 12.99 ? 96  GLU A N   1 
ATOM   306 C CA  . GLU A 1 50 ? -5.254  8.557   -4.942  1.00 9.41  ? 96  GLU A CA  1 
ATOM   307 C C   . GLU A 1 50 ? -6.227  9.628   -4.358  1.00 12.15 ? 96  GLU A C   1 
ATOM   308 O O   . GLU A 1 50 ? -7.225  9.227   -3.799  1.00 12.84 ? 96  GLU A O   1 
ATOM   309 C CB  . GLU A 1 50 ? -5.597  8.383   -6.428  1.00 14.22 ? 96  GLU A CB  1 
ATOM   310 C CG  . GLU A 1 50 ? -4.658  7.427   -7.161  1.00 14.44 ? 96  GLU A CG  1 
ATOM   311 C CD  . GLU A 1 50 ? -4.769  7.230   -8.597  1.00 16.92 ? 96  GLU A CD  1 
ATOM   312 O OE1 . GLU A 1 50 ? -3.855  6.891   -9.281  1.00 17.83 ? 96  GLU A OE1 1 
ATOM   313 O OE2 . GLU A 1 50 ? -5.854  7.506   -9.128  1.00 19.21 ? 96  GLU A OE2 1 
ATOM   314 N N   . GLY A 1 51 ? -5.820  10.827  -4.344  1.00 13.56 ? 97  GLY A N   1 
ATOM   315 C CA  . GLY A 1 51 ? -6.613  11.949  -3.790  1.00 11.78 ? 97  GLY A CA  1 
ATOM   316 C C   . GLY A 1 51 ? -6.764  11.994  -2.317  1.00 16.41 ? 97  GLY A C   1 
ATOM   317 O O   . GLY A 1 51 ? -7.827  12.459  -1.830  1.00 15.86 ? 97  GLY A O   1 
ATOM   318 N N   . VAL A 1 52 ? -5.754  11.569  -1.523  1.00 16.50 ? 98  VAL A N   1 
ATOM   319 C CA  . VAL A 1 52 ? -5.806  11.593  -0.059  1.00 12.79 ? 98  VAL A CA  1 
ATOM   320 C C   . VAL A 1 52 ? -5.034  12.894  0.354   1.00 12.70 ? 98  VAL A C   1 
ATOM   321 O O   . VAL A 1 52 ? -4.199  13.418  -0.343  1.00 15.57 ? 98  VAL A O   1 
ATOM   322 C CB  . VAL A 1 52 ? -5.378  10.302  0.658   1.00 16.46 ? 98  VAL A CB  1 
ATOM   323 C CG1 . VAL A 1 52 ? -6.196  9.096   0.268   1.00 15.91 ? 98  VAL A CG1 1 
ATOM   324 C CG2 . VAL A 1 52 ? -3.948  9.944   0.308   1.00 15.46 ? 98  VAL A CG2 1 
ATOM   325 N N   . SER A 1 53 ? -5.386  13.270  1.587   1.00 14.78 ? 99  SER A N   1 
ATOM   326 C CA  . SER A 1 53 ? -4.786  14.479  2.172   1.00 16.52 ? 99  SER A CA  1 
ATOM   327 C C   . SER A 1 53 ? -3.329  14.129  2.512   1.00 17.87 ? 99  SER A C   1 
ATOM   328 O O   . SER A 1 53 ? -3.018  12.924  2.636   1.00 14.13 ? 99  SER A O   1 
ATOM   329 C CB  . SER A 1 53 ? -5.536  14.811  3.433   1.00 15.31 ? 99  SER A CB  1 
ATOM   330 O OG  . SER A 1 53 ? -5.213  13.873  4.460   1.00 20.23 ? 99  SER A OG  1 
ATOM   331 N N   . LYS A 1 54 ? -2.549  15.134  2.781   1.00 15.14 ? 100 LYS A N   1 
ATOM   332 C CA  . LYS A 1 54 ? -1.164  14.956  3.193   1.00 18.22 ? 100 LYS A CA  1 
ATOM   333 C C   . LYS A 1 54 ? -1.006  14.063  4.417   1.00 20.11 ? 100 LYS A C   1 
ATOM   334 O O   . LYS A 1 54 ? -0.153  13.127  4.296   1.00 19.55 ? 100 LYS A O   1 
ATOM   335 C CB  . LYS A 1 54 ? -0.391  16.260  3.571   1.00 26.51 ? 100 LYS A CB  1 
ATOM   336 C CG  . LYS A 1 54 ? 1.144   16.004  3.403   1.00 26.54 ? 100 LYS A CG  1 
ATOM   337 C CD  . LYS A 1 54 ? 1.829   17.339  3.084   1.00 40.10 ? 100 LYS A CD  1 
ATOM   338 C CE  . LYS A 1 54 ? 3.146   17.697  3.684   1.00 48.65 ? 100 LYS A CE  1 
ATOM   339 N NZ  . LYS A 1 54 ? 3.206   18.453  4.984   1.00 51.08 ? 100 LYS A NZ  1 
ATOM   340 N N   . ASP A 1 55 ? -1.780  14.209  5.484   1.00 16.94 ? 101 ASP A N   1 
ATOM   341 C CA  . ASP A 1 55 ? -1.652  13.399  6.679   1.00 14.89 ? 101 ASP A CA  1 
ATOM   342 C C   . ASP A 1 55 ? -2.049  11.960  6.417   1.00 15.79 ? 101 ASP A C   1 
ATOM   343 O O   . ASP A 1 55 ? -1.457  11.029  6.948   1.00 15.70 ? 101 ASP A O   1 
ATOM   344 C CB  . ASP A 1 55 ? -2.357  14.031  7.865   1.00 19.01 ? 101 ASP A CB  1 
ATOM   345 C CG  . ASP A 1 55 ? -1.766  15.416  8.125   1.00 31.84 ? 101 ASP A CG  1 
ATOM   346 O OD1 . ASP A 1 55 ? -2.607  16.279  8.489   1.00 39.35 ? 101 ASP A OD1 1 
ATOM   347 O OD2 . ASP A 1 55 ? -0.574  15.733  7.978   1.00 31.16 ? 101 ASP A OD2 1 
ATOM   348 N N   . ASP A 1 56 ? -3.049  11.729  5.599   1.00 12.64 ? 102 ASP A N   1 
ATOM   349 C CA  . ASP A 1 56 ? -3.525  10.387  5.294   1.00 13.62 ? 102 ASP A CA  1 
ATOM   350 C C   . ASP A 1 56 ? -2.415  9.666   4.463   1.00 8.80  ? 102 ASP A C   1 
ATOM   351 O O   . ASP A 1 56 ? -2.295  8.454   4.792   1.00 11.28 ? 102 ASP A O   1 
ATOM   352 C CB  . ASP A 1 56 ? -4.869  10.296  4.666   1.00 12.32 ? 102 ASP A CB  1 
ATOM   353 C CG  . ASP A 1 56 ? -5.967  10.531  5.716   1.00 21.75 ? 102 ASP A CG  1 
ATOM   354 O OD1 . ASP A 1 56 ? -5.719  10.743  6.942   1.00 20.20 ? 102 ASP A OD1 1 
ATOM   355 O OD2 . ASP A 1 56 ? -7.151  10.491  5.303   1.00 27.12 ? 102 ASP A OD2 1 
ATOM   356 N N   . ALA A 1 57 ? -1.848  10.393  3.569   1.00 9.95  ? 103 ALA A N   1 
ATOM   357 C CA  . ALA A 1 57 ? -0.803  9.784   2.729   1.00 8.52  ? 103 ALA A CA  1 
ATOM   358 C C   . ALA A 1 57 ? 0.479   9.382   3.504   1.00 11.77 ? 103 ALA A C   1 
ATOM   359 O O   . ALA A 1 57 ? 1.019   8.291   3.269   1.00 9.70  ? 103 ALA A O   1 
ATOM   360 C CB  . ALA A 1 57 ? -0.454  10.700  1.587   1.00 9.58  ? 103 ALA A CB  1 
ATOM   361 N N   . GLU A 1 58 ? 0.874   10.237  4.387   1.00 13.10 ? 104 GLU A N   1 
ATOM   362 C CA  . GLU A 1 58 ? 2.060   10.020  5.258   1.00 12.79 ? 104 GLU A CA  1 
ATOM   363 C C   . GLU A 1 58 ? 1.731   8.907   6.219   1.00 10.07 ? 104 GLU A C   1 
ATOM   364 O O   . GLU A 1 58 ? 2.570   8.025   6.425   1.00 11.74 ? 104 GLU A O   1 
ATOM   365 C CB  . GLU A 1 58 ? 2.439   11.322  6.005   1.00 16.19 ? 104 GLU A CB  1 
ATOM   366 C CG  . GLU A 1 58 ? 3.061   12.386  5.085   1.00 21.99 ? 104 GLU A CG  1 
ATOM   367 C CD  . GLU A 1 58 ? 4.077   11.965  4.042   1.00 28.60 ? 104 GLU A CD  1 
ATOM   368 O OE1 . GLU A 1 58 ? 4.232   12.395  2.894   1.00 33.94 ? 104 GLU A OE1 1 
ATOM   369 O OE2 . GLU A 1 58 ? 4.829   11.047  4.467   1.00 29.43 ? 104 GLU A OE2 1 
ATOM   370 N N   . ALA A 1 59 ? 0.537   8.755   6.840   1.00 9.24  ? 105 ALA A N   1 
ATOM   371 C CA  . ALA A 1 59 ? 0.223   7.649   7.707   1.00 11.80 ? 105 ALA A CA  1 
ATOM   372 C C   . ALA A 1 59 ? 0.186   6.293   6.925   1.00 8.55  ? 105 ALA A C   1 
ATOM   373 O O   . ALA A 1 59 ? 0.649   5.315   7.435   1.00 7.93  ? 105 ALA A O   1 
ATOM   374 C CB  . ALA A 1 59 ? -1.146  7.840   8.402   1.00 11.07 ? 105 ALA A CB  1 
ATOM   375 N N   . LEU A 1 60 ? -0.382  6.216   5.722   1.00 6.73  ? 106 LEU A N   1 
ATOM   376 C CA  . LEU A 1 60 ? -0.466  5.022   4.931   1.00 8.16  ? 106 LEU A CA  1 
ATOM   377 C C   . LEU A 1 60 ? 1.010   4.628   4.491   1.00 6.17  ? 106 LEU A C   1 
ATOM   378 O O   . LEU A 1 60 ? 1.244   3.439   4.599   1.00 8.04  ? 106 LEU A O   1 
ATOM   379 C CB  . LEU A 1 60 ? -1.348  5.315   3.706   1.00 9.84  ? 106 LEU A CB  1 
ATOM   380 C CG  . LEU A 1 60 ? -1.631  4.040   2.946   1.00 13.38 ? 106 LEU A CG  1 
ATOM   381 C CD1 . LEU A 1 60 ? -2.105  2.835   3.697   1.00 12.09 ? 106 LEU A CD1 1 
ATOM   382 C CD2 . LEU A 1 60 ? -2.537  4.475   1.798   1.00 20.84 ? 106 LEU A CD2 1 
ATOM   383 N N   . LYS A 1 61 ? 1.792   5.606   4.097   1.00 9.60  ? 107 LYS A N   1 
ATOM   384 C CA  . LYS A 1 61 ? 3.161   5.394   3.688   1.00 7.94  ? 107 LYS A CA  1 
ATOM   385 C C   . LYS A 1 61 ? 3.898   4.659   4.864   1.00 7.55  ? 107 LYS A C   1 
ATOM   386 O O   . LYS A 1 61 ? 4.608   3.658   4.699   1.00 8.56  ? 107 LYS A O   1 
ATOM   387 C CB  . LYS A 1 61 ? 3.863   6.664   3.377   1.00 5.72  ? 107 LYS A CB  1 
ATOM   388 C CG  . LYS A 1 61 ? 5.279   6.382   2.919   1.00 9.64  ? 107 LYS A CG  1 
ATOM   389 C CD  . LYS A 1 61 ? 6.021   7.682   2.737   1.00 19.59 ? 107 LYS A CD  1 
ATOM   390 C CE  . LYS A 1 61 ? 6.397   8.402   4.015   1.00 22.77 ? 107 LYS A CE  1 
ATOM   391 N NZ  . LYS A 1 61 ? 7.299   9.526   3.581   1.00 24.73 ? 107 LYS A NZ  1 
ATOM   392 N N   . LYS A 1 62 ? 3.769   5.248   6.067   1.00 9.39  ? 108 LYS A N   1 
ATOM   393 C CA  . LYS A 1 62 ? 4.429   4.670   7.223   1.00 10.14 ? 108 LYS A CA  1 
ATOM   394 C C   . LYS A 1 62 ? 3.958   3.300   7.554   1.00 8.35  ? 108 LYS A C   1 
ATOM   395 O O   . LYS A 1 62 ? 4.861   2.482   7.920   1.00 11.20 ? 108 LYS A O   1 
ATOM   396 C CB  . LYS A 1 62 ? 4.189   5.605   8.423   1.00 7.88  ? 108 LYS A CB  1 
ATOM   397 C CG  . LYS A 1 62 ? 5.080   6.831   8.413   1.00 26.63 ? 108 LYS A CG  1 
ATOM   398 C CD  . LYS A 1 62 ? 4.950   7.370   9.867   1.00 38.51 ? 108 LYS A CD  1 
ATOM   399 C CE  . LYS A 1 62 ? 5.718   8.656   10.145  1.00 47.23 ? 108 LYS A CE  1 
ATOM   400 N NZ  . LYS A 1 62 ? 5.091   9.386   11.308  1.00 52.26 ? 108 LYS A NZ  1 
ATOM   401 N N   . ALA A 1 63 ? 2.629   3.042   7.489   1.00 6.74  ? 109 ALA A N   1 
ATOM   402 C CA  . ALA A 1 63 ? 2.063   1.748   7.765   1.00 6.10  ? 109 ALA A CA  1 
ATOM   403 C C   . ALA A 1 63 ? 2.652   0.760   6.699   1.00 8.98  ? 109 ALA A C   1 
ATOM   404 O O   . ALA A 1 63 ? 3.030   -0.359  7.155   1.00 9.39  ? 109 ALA A O   1 
ATOM   405 C CB  . ALA A 1 63 ? 0.551   1.701   7.671   1.00 6.20  ? 109 ALA A CB  1 
ATOM   406 N N   . LEU A 1 64 ? 2.711   1.089   5.426   1.00 6.41  ? 110 LEU A N   1 
ATOM   407 C CA  . LEU A 1 64 ? 3.231   0.110   4.456   1.00 6.41  ? 110 LEU A CA  1 
ATOM   408 C C   . LEU A 1 64 ? 4.733   -0.085  4.634   1.00 6.17  ? 110 LEU A C   1 
ATOM   409 O O   . LEU A 1 64 ? 5.100   -1.244  4.498   1.00 6.42  ? 110 LEU A O   1 
ATOM   410 C CB  . LEU A 1 64 ? 2.849   0.633   3.045   1.00 8.39  ? 110 LEU A CB  1 
ATOM   411 C CG  . LEU A 1 64 ? 1.298   0.607   2.805   1.00 8.84  ? 110 LEU A CG  1 
ATOM   412 C CD1 . LEU A 1 64 ? 1.110   1.376   1.475   1.00 15.41 ? 110 LEU A CD1 1 
ATOM   413 C CD2 . LEU A 1 64 ? 0.882   -0.778  2.789   1.00 15.96 ? 110 LEU A CD2 1 
ATOM   414 N N   . GLU A 1 65 ? 5.372   0.994   4.913   1.00 4.07  ? 111 GLU A N   1 
ATOM   415 C CA  . GLU A 1 65 ? 6.889   0.872   5.201   1.00 7.54  ? 111 GLU A CA  1 
ATOM   416 C C   . GLU A 1 65 ? 7.075   -0.038  6.374   1.00 7.20  ? 111 GLU A C   1 
ATOM   417 O O   . GLU A 1 65 ? 7.896   -0.938  6.301   1.00 9.02  ? 111 GLU A O   1 
ATOM   418 C CB  . GLU A 1 65 ? 7.563   2.230   5.455   1.00 8.54  ? 111 GLU A CB  1 
ATOM   419 C CG  . GLU A 1 65 ? 7.777   3.038   4.159   1.00 9.15  ? 111 GLU A CG  1 
ATOM   420 C CD  . GLU A 1 65 ? 8.323   4.442   4.380   1.00 14.76 ? 111 GLU A CD  1 
ATOM   421 O OE1 . GLU A 1 65 ? 8.346   4.846   5.551   1.00 16.55 ? 111 GLU A OE1 1 
ATOM   422 O OE2 . GLU A 1 65 ? 8.632   4.949   3.284   1.00 17.27 ? 111 GLU A OE2 1 
ATOM   423 N N   . GLU A 1 66 ? 6.386   0.033   7.487   1.00 5.58  ? 112 GLU A N   1 
ATOM   424 C CA  . GLU A 1 66 ? 6.555   -0.881  8.601   1.00 9.09  ? 112 GLU A CA  1 
ATOM   425 C C   . GLU A 1 66 ? 6.202   -2.308  8.265   1.00 7.62  ? 112 GLU A C   1 
ATOM   426 O O   . GLU A 1 66 ? 6.758   -3.243  8.881   1.00 6.47  ? 112 GLU A O   1 
ATOM   427 C CB  . GLU A 1 66 ? 5.703   -0.502  9.822   1.00 14.11 ? 112 GLU A CB  1 
ATOM   428 C CG  . GLU A 1 66 ? 6.342   0.734   10.415  1.00 19.93 ? 112 GLU A CG  1 
ATOM   429 C CD  . GLU A 1 66 ? 5.535   1.499   11.419  1.00 30.71 ? 112 GLU A CD  1 
ATOM   430 O OE1 . GLU A 1 66 ? 6.013   2.526   11.881  1.00 30.24 ? 112 GLU A OE1 1 
ATOM   431 O OE2 . GLU A 1 66 ? 4.390   1.092   11.618  1.00 30.71 ? 112 GLU A OE2 1 
ATOM   432 N N   . ALA A 1 67 ? 5.269   -2.545  7.347   1.00 6.49  ? 113 ALA A N   1 
ATOM   433 C CA  . ALA A 1 67 ? 4.928   -3.886  6.897   1.00 6.69  ? 113 ALA A CA  1 
ATOM   434 C C   . ALA A 1 67 ? 6.026   -4.385  5.954   1.00 7.54  ? 113 ALA A C   1 
ATOM   435 O O   . ALA A 1 67 ? 6.090   -5.625  5.834   1.00 9.73  ? 113 ALA A O   1 
ATOM   436 C CB  . ALA A 1 67 ? 3.500   -3.901  6.235   1.00 9.54  ? 113 ALA A CB  1 
ATOM   437 N N   . GLY A 1 68 ? 6.866   -3.529  5.383   1.00 8.77  ? 114 GLY A N   1 
ATOM   438 C CA  . GLY A 1 68 ? 7.983   -3.975  4.556   1.00 3.81  ? 114 GLY A CA  1 
ATOM   439 C C   . GLY A 1 68 ? 7.900   -3.676  3.120   1.00 7.13  ? 114 GLY A C   1 
ATOM   440 O O   . GLY A 1 68 ? 8.618   -4.188  2.304   1.00 6.21  ? 114 GLY A O   1 
ATOM   441 N N   . ALA A 1 69 ? 7.038   -2.714  2.732   1.00 8.45  ? 115 ALA A N   1 
ATOM   442 C CA  . ALA A 1 69 ? 6.970   -2.295  1.332   1.00 9.71  ? 115 ALA A CA  1 
ATOM   443 C C   . ALA A 1 69 ? 7.773   -1.100  0.999   1.00 9.79  ? 115 ALA A C   1 
ATOM   444 O O   . ALA A 1 69 ? 8.047   -0.161  1.774   1.00 8.66  ? 115 ALA A O   1 
ATOM   445 C CB  . ALA A 1 69 ? 5.460   -1.894  0.999   1.00 6.03  ? 115 ALA A CB  1 
ATOM   446 N N   . GLU A 1 70 ? 8.172   -0.955  -0.302  1.00 5.79  ? 116 GLU A N   1 
ATOM   447 C CA  . GLU A 1 70 ? 8.820   0.157   -0.889  1.00 9.95  ? 116 GLU A CA  1 
ATOM   448 C C   . GLU A 1 70 ? 7.607   1.035   -1.401  1.00 8.40  ? 116 GLU A C   1 
ATOM   449 O O   . GLU A 1 70 ? 6.886   0.522   -2.186  1.00 7.96  ? 116 GLU A O   1 
ATOM   450 C CB  . GLU A 1 70 ? 9.691   -0.181  -2.098  1.00 8.12  ? 116 GLU A CB  1 
ATOM   451 C CG  . GLU A 1 70 ? 10.495  0.991   -2.607  1.00 7.35  ? 116 GLU A CG  1 
ATOM   452 C CD  . GLU A 1 70 ? 11.210  0.800   -3.923  1.00 10.68 ? 116 GLU A CD  1 
ATOM   453 O OE1 . GLU A 1 70 ? 11.595  1.716   -4.580  1.00 11.35 ? 116 GLU A OE1 1 
ATOM   454 O OE2 . GLU A 1 70 ? 11.306  -0.336  -4.278  1.00 10.88 ? 116 GLU A OE2 1 
ATOM   455 N N   . VAL A 1 71 ? 7.422   2.231   -0.869  1.00 6.04  ? 117 VAL A N   1 
ATOM   456 C CA  . VAL A 1 71 ? 6.296   3.063   -1.218  1.00 11.21 ? 117 VAL A CA  1 
ATOM   457 C C   . VAL A 1 71 ? 6.737   4.457   -1.653  1.00 12.64 ? 117 VAL A C   1 
ATOM   458 O O   . VAL A 1 71 ? 7.769   5.026   -1.228  1.00 14.78 ? 117 VAL A O   1 
ATOM   459 C CB  . VAL A 1 71 ? 5.473   3.244   0.128   1.00 17.81 ? 117 VAL A CB  1 
ATOM   460 C CG1 . VAL A 1 71 ? 4.192   4.105   -0.108  1.00 15.70 ? 117 VAL A CG1 1 
ATOM   461 C CG2 . VAL A 1 71 ? 5.049   1.978   0.787   1.00 14.21 ? 117 VAL A CG2 1 
ATOM   462 N N   . GLU A 1 72 ? 5.914   5.052   -2.450  1.00 10.76 ? 118 GLU A N   1 
ATOM   463 C CA  . GLU A 1 72 ? 6.162   6.432   -2.899  1.00 15.40 ? 118 GLU A CA  1 
ATOM   464 C C   . GLU A 1 72 ? 4.898   7.280   -2.699  1.00 16.70 ? 118 GLU A C   1 
ATOM   465 O O   . GLU A 1 72 ? 3.817   6.704   -2.910  1.00 12.30 ? 118 GLU A O   1 
ATOM   466 C CB  . GLU A 1 72 ? 6.561   6.324   -4.339  1.00 20.61 ? 118 GLU A CB  1 
ATOM   467 C CG  . GLU A 1 72 ? 6.514   7.580   -5.165  1.00 25.95 ? 118 GLU A CG  1 
ATOM   468 C CD  . GLU A 1 72 ? 7.259   7.352   -6.468  1.00 36.80 ? 118 GLU A CD  1 
ATOM   469 O OE1 . GLU A 1 72 ? 8.266   7.958   -6.721  1.00 47.45 ? 118 GLU A OE1 1 
ATOM   470 O OE2 . GLU A 1 72 ? 6.764   6.440   -7.136  1.00 48.55 ? 118 GLU A OE2 1 
ATOM   471 N N   . VAL A 1 73 ? 5.099   8.521   -2.353  1.00 15.88 ? 119 VAL A N   1 
ATOM   472 C CA  . VAL A 1 73 ? 3.942   9.489   -2.112  1.00 20.02 ? 119 VAL A CA  1 
ATOM   473 C C   . VAL A 1 73 ? 4.186   10.543  -3.181  1.00 20.41 ? 119 VAL A C   1 
ATOM   474 O O   . VAL A 1 73 ? 5.295   11.066  -3.287  1.00 16.72 ? 119 VAL A O   1 
ATOM   475 C CB  . VAL A 1 73 ? 3.821   10.037  -0.675  1.00 12.68 ? 119 VAL A CB  1 
ATOM   476 C CG1 . VAL A 1 73 ? 2.871   11.237  -0.607  1.00 13.24 ? 119 VAL A CG1 1 
ATOM   477 C CG2 . VAL A 1 73 ? 3.329   9.090   0.409   1.00 16.42 ? 119 VAL A CG2 1 
ATOM   478 N N   . LYS A 1 74 ? 3.198   10.889  -4.017  1.00 16.51 ? 120 LYS A N   1 
ATOM   479 C CA  . LYS A 1 74 ? 3.417   11.888  -5.075  1.00 18.80 ? 120 LYS A CA  1 
ATOM   480 C C   . LYS A 1 74 ? 2.272   12.890  -5.081  1.00 21.49 ? 120 LYS A C   1 
ATOM   481 O O   . LYS A 1 74 ? 1.196   12.486  -4.627  1.00 27.04 ? 120 LYS A O   1 
ATOM   482 C CB  . LYS A 1 74 ? 3.378   11.114  -6.398  1.00 23.56 ? 120 LYS A CB  1 
ATOM   483 C CG  . LYS A 1 74 ? 4.780   10.704  -6.826  1.00 27.83 ? 120 LYS A CG  1 
ATOM   484 C CD  . LYS A 1 74 ? 4.569   9.726   -7.985  1.00 39.31 ? 120 LYS A CD  1 
ATOM   485 C CE  . LYS A 1 74 ? 3.191   10.013  -8.600  1.00 37.90 ? 120 LYS A CE  1 
ATOM   486 N NZ  . LYS A 1 74 ? 3.286   9.648   -10.048 1.00 42.51 ? 120 LYS A NZ  1 
ATOM   487 O OXT . LYS A 1 74 ? 2.291   14.058  -5.316  1.00 30.43 ? 120 LYS A OXT 1 
HETATM 488 S S   . SO4 B 2 .  ? 8.099   -7.398  -6.310  1.00 31.81 ? 1   SO4 A S   1 
HETATM 489 O O1  . SO4 B 2 .  ? 9.097   -7.058  -5.211  1.00 31.70 ? 1   SO4 A O1  1 
HETATM 490 O O2  . SO4 B 2 .  ? 7.999   -8.882  -6.273  1.00 32.64 ? 1   SO4 A O2  1 
HETATM 491 O O3  . SO4 B 2 .  ? 6.902   -6.574  -6.222  1.00 40.41 ? 1   SO4 A O3  1 
HETATM 492 O O4  . SO4 B 2 .  ? 8.879   -6.948  -7.535  1.00 45.89 ? 1   SO4 A O4  1 
HETATM 493 O O   . HOH C 3 .  ? 1.297   -6.144  8.313   1.00 8.97  ? 121 HOH A O   1 
HETATM 494 O O   . HOH C 3 .  ? 10.378  -1.385  4.997   1.00 10.32 ? 122 HOH A O   1 
HETATM 495 O O   . HOH C 3 .  ? 1.852   -1.572  9.341   1.00 12.29 ? 123 HOH A O   1 
HETATM 496 O O   . HOH C 3 .  ? 10.571  0.216   2.718   1.00 12.76 ? 124 HOH A O   1 
HETATM 497 O O   . HOH C 3 .  ? 5.661   -10.855 5.193   1.00 13.04 ? 125 HOH A O   1 
HETATM 498 O O   . HOH C 3 .  ? 3.049   -4.069  9.729   1.00 15.90 ? 126 HOH A O   1 
HETATM 499 O O   . HOH C 3 .  ? -2.256  -0.571  7.176   1.00 16.10 ? 127 HOH A O   1 
HETATM 500 O O   . HOH C 3 .  ? -3.931  6.800   5.952   1.00 17.49 ? 128 HOH A O   1 
HETATM 501 O O   . HOH C 3 .  ? 9.340   3.331   1.159   1.00 18.85 ? 129 HOH A O   1 
HETATM 502 O O   . HOH C 3 .  ? 5.846   -12.724 2.899   1.00 19.15 ? 130 HOH A O   1 
HETATM 503 O O   . HOH C 3 .  ? 5.526   -6.371  -4.865  1.00 20.26 ? 131 HOH A O   1 
HETATM 504 O O   . HOH C 3 .  ? -1.821  -11.466 4.508   1.00 20.32 ? 132 HOH A O   1 
HETATM 505 O O   . HOH C 3 .  ? -9.451  8.679   -1.910  1.00 21.22 ? 133 HOH A O   1 
HETATM 506 O O   . HOH C 3 .  ? -7.729  11.793  2.731   1.00 21.44 ? 134 HOH A O   1 
HETATM 507 O O   . HOH C 3 .  ? -12.177 -12.445 -1.822  1.00 22.86 ? 135 HOH A O   1 
HETATM 508 O O   . HOH C 3 .  ? 2.018   -8.147  10.135  1.00 22.89 ? 136 HOH A O   1 
HETATM 509 O O   . HOH C 3 .  ? 6.717   -12.170 -0.253  1.00 24.06 ? 137 HOH A O   1 
HETATM 510 O O   . HOH C 3 .  ? -3.218  17.759  2.504   1.00 25.12 ? 138 HOH A O   1 
HETATM 511 O O   . HOH C 3 .  ? 7.852   9.488   -1.399  1.00 25.76 ? 139 HOH A O   1 
HETATM 512 O O   . HOH C 3 .  ? -4.085  5.890   -11.706 1.00 25.77 ? 140 HOH A O   1 
HETATM 513 O O   . HOH C 3 .  ? 1.025   5.232   10.255  1.00 26.13 ? 141 HOH A O   1 
HETATM 514 O O   . HOH C 3 .  ? -8.297  14.618  -0.123  1.00 26.49 ? 142 HOH A O   1 
HETATM 515 O O   . HOH C 3 .  ? -8.001  2.026   -1.968  1.00 26.60 ? 143 HOH A O   1 
HETATM 516 O O   . HOH C 3 .  ? -10.011 0.830   5.547   1.00 27.29 ? 144 HOH A O   1 
HETATM 517 O O   . HOH C 3 .  ? 12.233  -2.331  -6.155  1.00 28.32 ? 145 HOH A O   1 
HETATM 518 O O   . HOH C 3 .  ? 7.699   -4.181  -8.306  1.00 28.85 ? 146 HOH A O   1 
HETATM 519 O O   . HOH C 3 .  ? -4.377  -10.728 4.379   1.00 29.09 ? 147 HOH A O   1 
HETATM 520 O O   . HOH C 3 .  ? -5.531  -9.755  6.803   1.00 29.16 ? 148 HOH A O   1 
HETATM 521 O O   . HOH C 3 .  ? 5.343   -6.743  -9.672  1.00 30.41 ? 149 HOH A O   1 
HETATM 522 O O   . HOH C 3 .  ? -7.965  -6.155  -7.448  1.00 31.90 ? 150 HOH A O   1 
HETATM 523 O O   . HOH C 3 .  ? 7.354   -7.846  7.465   1.00 32.07 ? 151 HOH A O   1 
HETATM 524 O O   . HOH C 3 .  ? 10.931  9.451   -5.898  1.00 33.04 ? 152 HOH A O   1 
HETATM 525 O O   . HOH C 3 .  ? 14.288  -0.776  -7.813  1.00 33.42 ? 153 HOH A O   1 
HETATM 526 O O   . HOH C 3 .  ? -3.265  16.873  5.845   1.00 33.59 ? 154 HOH A O   1 
HETATM 527 O O   . HOH C 3 .  ? -10.620 2.919   3.055   1.00 33.67 ? 155 HOH A O   1 
HETATM 528 O O   . HOH C 3 .  ? 0.346   11.629  9.302   1.00 33.75 ? 156 HOH A O   1 
HETATM 529 O O   . HOH C 3 .  ? -0.865  7.868   -9.737  1.00 36.19 ? 157 HOH A O   1 
HETATM 530 O O   . HOH C 3 .  ? 2.304   -14.816 10.642  1.00 36.64 ? 158 HOH A O   1 
HETATM 531 O O   . HOH C 3 .  ? 2.980   3.519   11.944  1.00 37.05 ? 159 HOH A O   1 
HETATM 532 O O   . HOH C 3 .  ? -7.332  -4.156  -6.510  0.40 37.50 ? 160 HOH A O   1 
HETATM 533 O O   . HOH C 3 .  ? -2.523  15.532  -7.081  1.00 38.17 ? 161 HOH A O   1 
HETATM 534 O O   . HOH C 3 .  ? 5.128   -8.996  10.027  1.00 38.41 ? 162 HOH A O   1 
HETATM 535 O O   . HOH C 3 .  ? -10.197 -13.403 4.647   1.00 39.55 ? 163 HOH A O   1 
HETATM 536 O O   . HOH C 3 .  ? -10.228 -14.960 -0.429  1.00 39.66 ? 164 HOH A O   1 
HETATM 537 O O   . HOH C 3 .  ? -9.951  10.532  1.027   1.00 39.96 ? 165 HOH A O   1 
HETATM 538 O O   . HOH C 3 .  ? -0.411  16.271  10.978  1.00 40.61 ? 166 HOH A O   1 
HETATM 539 O O   . HOH C 3 .  ? 0.727   16.591  -4.956  1.00 40.63 ? 167 HOH A O   1 
HETATM 540 O O   . HOH C 3 .  ? 9.880   8.672   -3.903  1.00 40.77 ? 168 HOH A O   1 
HETATM 541 O O   . HOH C 3 .  ? -1.625  19.030  6.349   1.00 41.68 ? 169 HOH A O   1 
HETATM 542 O O   . HOH C 3 .  ? 5.580   3.721   -10.088 1.00 42.33 ? 170 HOH A O   1 
HETATM 543 O O   . HOH C 3 .  ? 7.758   -9.993  6.545   1.00 42.71 ? 171 HOH A O   1 
HETATM 544 O O   . HOH C 3 .  ? 9.398   -13.841 3.669   1.00 42.93 ? 172 HOH A O   1 
HETATM 545 O O   . HOH C 3 .  ? 1.566   -10.953 13.227  1.00 43.39 ? 173 HOH A O   1 
HETATM 546 O O   . HOH C 3 .  ? -4.161  12.796  -6.243  1.00 43.59 ? 174 HOH A O   1 
HETATM 547 O O   . HOH C 3 .  ? -2.400  -13.197 -8.185  1.00 44.13 ? 175 HOH A O   1 
HETATM 548 O O   . HOH C 3 .  ? 9.387   6.266   -9.880  1.00 48.41 ? 176 HOH A O   1 
HETATM 549 O O   . HOH C 3 .  ? 8.955   -0.985  -9.110  1.00 50.05 ? 177 HOH A O   1 
HETATM 550 O O   . HOH C 3 .  ? 2.590   -11.009 8.833   1.00 50.77 ? 178 HOH A O   1 
HETATM 551 O O   . HOH C 3 .  ? -9.464  -0.166  -2.241  0.40 51.37 ? 179 HOH A O   1 
HETATM 552 O O   . HOH C 3 .  ? -5.294  18.029  -0.097  1.00 61.09 ? 180 HOH A O   1 
HETATM 553 O O   . HOH C 3 .  ? 6.816   12.413  -4.197  1.00 64.54 ? 181 HOH A O   1 
HETATM 554 O O   . HOH C 3 .  ? 0.340   -19.822 -5.220  1.00 65.73 ? 182 HOH A O   1 
# 
